data_1FE2
#
_entry.id   1FE2
#
_cell.length_a   182.19
_cell.length_b   182.19
_cell.length_c   103.23
_cell.angle_alpha   90.0
_cell.angle_beta   90.0
_cell.angle_gamma   120.0
#
_symmetry.space_group_name_H-M   'P 65 2 2'
#
loop_
_entity.id
_entity.type
_entity.pdbx_description
1 polymer 'PROSTAGLANDIN ENDOPEROXIDE H SYNTHASE-1'
2 branched 2-acetamido-2-deoxy-beta-D-glucopyranose-(1-4)-2-acetamido-2-deoxy-beta-D-glucopyranose
3 branched beta-D-mannopyranose-(1-3)-beta-D-mannopyranose-(1-6)-beta-D-mannopyranose-(1-4)-2-acetamido-2-deoxy-beta-D-glucopyranose-(1-4)-2-acetamido-2-deoxy-beta-D-glucopyranose
4 non-polymer 'octyl beta-D-glucopyranoside'
5 non-polymer 'PROTOPORPHYRIN IX CONTAINING CO'
6 non-polymer 'EICOSA-8,11,14-TRIENOIC ACID'
7 water water
#
_entity_poly.entity_id   1
_entity_poly.type   'polypeptide(L)'
_entity_poly.pdbx_seq_one_letter_code
;ADPGAPAPVNPCCYYPCQHQGICVRFGLDRYQCDCTRTGYSGPNCTIPEIWTWLRTTLRPSPSFIHFLLTHGRWLWDFVN
ATFIRDTLMRLVLTVRSNLIPSPPTYNIAHDYISWESFSNVSYYTRILPSVPRDCPTPMGTKGKKQLPDAEFLSRRFLLR
RKFIPDPQGTNLMFAFFAQHFTHQFFKTSGKMGPGFTKALGHGVDLGHIYGDNLERQYQLRLFKDGKLKYQMLNGEVYPP
SVEEAPVLMHYPRGIPPQSQMAVGQEVFGLLPGLMLYATIWLREHNRVCDLLKAEHPTWGDEQLFQTARLILIGETIKIV
IEEYVQQLSGYFLQLKFDPELLFGAQFQYRNRIAMEFNQLYHWHPLMPDSFRVGPQDYSYEQFLFNTSMLVDYGVEALVD
AFSRQPAGRIGGGRNIDHHILHVAVDVIKESRVLRLQPFNEYRKRFGMKPYTSFQELTGEKEMAAELEELYGDIDALEFY
PGLLLEKCHPNSIFGESMIEMGAPFSLKGLLGNPICSPEYWKASTFGGEVGFNLVKTATLKKLVCLNTKTCPYVSFHVPD
PRQEDRPGVERPPTEL
;
_entity_poly.pdbx_strand_id   A
#
loop_
_chem_comp.id
_chem_comp.type
_chem_comp.name
_chem_comp.formula
BMA D-saccharide, beta linking beta-D-mannopyranose 'C6 H12 O6'
BOG D-saccharide 'octyl beta-D-glucopyranoside' 'C14 H28 O6'
COH non-polymer 'PROTOPORPHYRIN IX CONTAINING CO' 'C34 H32 Co N4 O4'
LAX non-polymer 'EICOSA-8,11,14-TRIENOIC ACID' 'C20 H34 O2'
NAG D-saccharide, beta linking 2-acetamido-2-deoxy-beta-D-glucopyranose 'C8 H15 N O6'
#
# COMPACT_ATOMS: atom_id res chain seq x y z
N PRO A 8 -16.28 37.34 -1.20
CA PRO A 8 -15.03 37.23 -0.38
C PRO A 8 -14.22 36.01 -0.83
N VAL A 9 -13.06 35.81 -0.19
CA VAL A 9 -12.22 34.66 -0.50
C VAL A 9 -12.20 33.70 0.70
N ASN A 10 -12.81 32.53 0.54
CA ASN A 10 -12.86 31.53 1.61
C ASN A 10 -11.49 31.39 2.24
N PRO A 11 -11.29 32.09 3.36
CA PRO A 11 -10.04 32.10 4.12
C PRO A 11 -9.34 30.74 4.26
N CYS A 12 -10.08 29.66 4.43
CA CYS A 12 -9.40 28.38 4.55
C CYS A 12 -8.66 28.03 3.28
N CYS A 13 -8.76 28.90 2.27
CA CYS A 13 -8.10 28.64 0.99
C CYS A 13 -6.61 28.90 1.05
N TYR A 14 -6.18 29.58 2.11
CA TYR A 14 -4.77 29.88 2.27
C TYR A 14 -4.09 28.82 3.15
N TYR A 15 -4.91 28.07 3.87
CA TYR A 15 -4.43 27.04 4.77
C TYR A 15 -3.62 27.73 5.86
N PRO A 16 -4.26 28.65 6.59
CA PRO A 16 -3.66 29.42 7.66
C PRO A 16 -3.26 28.58 8.86
N CYS A 17 -4.05 27.56 9.16
CA CYS A 17 -3.76 26.70 10.30
C CYS A 17 -2.57 25.79 10.06
N GLN A 18 -1.65 25.82 11.03
CA GLN A 18 -0.45 25.01 10.98
C GLN A 18 -0.48 23.91 12.02
N HIS A 19 0.35 22.90 11.80
CA HIS A 19 0.48 21.77 12.72
C HIS A 19 -0.80 21.04 12.99
N GLN A 20 -1.55 20.79 11.93
CA GLN A 20 -2.79 20.06 12.04
C GLN A 20 -3.91 20.82 12.72
N GLY A 21 -3.87 22.14 12.64
CA GLY A 21 -4.93 22.93 13.24
C GLY A 21 -6.15 22.92 12.33
N ILE A 22 -7.34 22.80 12.89
CA ILE A 22 -8.56 22.77 12.07
C ILE A 22 -9.11 24.14 11.67
N CYS A 23 -9.14 24.39 10.37
CA CYS A 23 -9.65 25.64 9.83
C CYS A 23 -11.17 25.64 9.83
N VAL A 24 -11.75 26.72 10.37
CA VAL A 24 -13.20 26.83 10.46
C VAL A 24 -13.74 28.23 10.17
N ARG A 25 -14.64 28.32 9.21
CA ARG A 25 -15.27 29.58 8.84
C ARG A 25 -16.21 30.04 9.93
N PHE A 26 -16.08 31.30 10.32
CA PHE A 26 -16.92 31.90 11.35
C PHE A 26 -17.46 33.22 10.85
N GLY A 27 -18.77 33.29 10.67
CA GLY A 27 -19.36 34.52 10.16
C GLY A 27 -19.33 34.49 8.64
N LEU A 28 -19.27 35.67 8.02
CA LEU A 28 -19.26 35.77 6.56
C LEU A 28 -17.88 35.74 5.90
N ASP A 29 -16.86 36.25 6.58
CA ASP A 29 -15.55 36.27 5.95
C ASP A 29 -14.36 35.88 6.84
N ARG A 30 -14.62 35.57 8.10
CA ARG A 30 -13.55 35.21 9.04
C ARG A 30 -13.44 33.71 9.24
N TYR A 31 -12.36 33.30 9.90
CA TYR A 31 -12.10 31.88 10.17
C TYR A 31 -11.40 31.70 11.54
N GLN A 32 -11.37 30.46 12.00
CA GLN A 32 -10.72 30.14 13.27
C GLN A 32 -9.99 28.82 13.16
N CYS A 33 -8.87 28.72 13.87
CA CYS A 33 -8.11 27.49 13.86
C CYS A 33 -8.31 26.83 15.21
N ASP A 34 -8.63 25.54 15.17
CA ASP A 34 -8.85 24.75 16.37
C ASP A 34 -7.51 24.06 16.60
N CYS A 35 -6.70 24.62 17.47
CA CYS A 35 -5.40 24.04 17.69
C CYS A 35 -5.39 23.03 18.80
N THR A 36 -6.58 22.63 19.25
CA THR A 36 -6.65 21.65 20.33
C THR A 36 -5.68 20.50 20.10
N ARG A 37 -4.92 20.17 21.14
CA ARG A 37 -3.93 19.09 21.11
C ARG A 37 -2.99 19.08 19.92
N THR A 38 -2.75 20.23 19.31
CA THR A 38 -1.83 20.28 18.20
C THR A 38 -0.45 20.61 18.73
N GLY A 39 -0.40 20.99 19.99
CA GLY A 39 0.88 21.31 20.60
C GLY A 39 1.24 22.77 20.47
N TYR A 40 0.42 23.50 19.74
CA TYR A 40 0.64 24.93 19.56
C TYR A 40 -0.63 25.68 19.90
N SER A 41 -0.48 26.95 20.24
CA SER A 41 -1.62 27.80 20.53
C SER A 41 -1.41 28.93 19.55
N GLY A 42 -2.38 29.85 19.46
CA GLY A 42 -2.23 30.97 18.55
C GLY A 42 -3.27 30.99 17.44
N PRO A 43 -3.54 32.17 16.85
CA PRO A 43 -4.53 32.31 15.78
C PRO A 43 -4.43 31.20 14.74
N ASN A 44 -3.21 30.77 14.41
CA ASN A 44 -3.04 29.71 13.42
C ASN A 44 -2.20 28.52 13.90
N CYS A 45 -2.07 28.37 15.22
CA CYS A 45 -1.30 27.26 15.81
C CYS A 45 0.16 27.41 15.40
N THR A 46 0.77 28.51 15.81
CA THR A 46 2.14 28.79 15.45
C THR A 46 3.05 29.02 16.65
N ILE A 47 2.50 28.93 17.85
CA ILE A 47 3.27 29.14 19.06
C ILE A 47 3.45 27.83 19.82
N PRO A 48 4.66 27.26 19.79
CA PRO A 48 5.01 25.99 20.45
C PRO A 48 4.80 25.99 21.95
N GLU A 49 4.24 24.90 22.47
CA GLU A 49 4.03 24.81 23.90
C GLU A 49 5.41 24.51 24.44
N ILE A 50 5.59 24.75 25.72
CA ILE A 50 6.87 24.55 26.37
C ILE A 50 7.60 23.31 25.87
N TRP A 51 6.87 22.18 25.82
CA TRP A 51 7.44 20.91 25.40
C TRP A 51 7.66 20.80 23.90
N THR A 52 6.62 21.09 23.15
CA THR A 52 6.69 21.04 21.69
C THR A 52 7.97 21.75 21.30
N TRP A 53 8.17 22.94 21.85
CA TRP A 53 9.38 23.68 21.58
C TRP A 53 10.59 22.77 21.83
N LEU A 54 10.60 22.09 22.98
CA LEU A 54 11.69 21.18 23.30
C LEU A 54 11.79 20.16 22.19
N ARG A 55 10.67 19.51 21.94
CA ARG A 55 10.56 18.50 20.92
C ARG A 55 11.16 19.01 19.62
N THR A 56 10.57 20.07 19.07
CA THR A 56 11.02 20.66 17.81
C THR A 56 12.51 21.00 17.72
N THR A 57 13.06 21.65 18.75
CA THR A 57 14.47 22.03 18.73
C THR A 57 15.41 20.81 18.77
N LEU A 58 15.00 19.78 19.49
CA LEU A 58 15.81 18.56 19.62
C LEU A 58 15.54 17.44 18.59
N ARG A 59 14.58 17.64 17.69
CA ARG A 59 14.26 16.60 16.72
C ARG A 59 15.09 16.65 15.44
N PRO A 60 15.83 15.56 15.16
CA PRO A 60 16.66 15.47 13.96
C PRO A 60 15.83 15.34 12.69
N SER A 61 16.39 15.77 11.57
CA SER A 61 15.70 15.70 10.28
C SER A 61 15.43 14.27 9.82
N PRO A 62 14.37 14.09 9.03
CA PRO A 62 14.03 12.77 8.51
C PRO A 62 15.20 12.33 7.65
N SER A 63 15.83 13.32 7.03
CA SER A 63 16.97 13.12 6.16
C SER A 63 18.09 12.42 6.92
N PHE A 64 18.34 12.92 8.13
CA PHE A 64 19.38 12.41 9.04
C PHE A 64 19.00 11.00 9.52
N ILE A 65 17.81 10.88 10.08
CA ILE A 65 17.31 9.60 10.57
C ILE A 65 17.48 8.52 9.51
N HIS A 66 17.02 8.81 8.29
CA HIS A 66 17.14 7.86 7.19
C HIS A 66 18.60 7.58 6.94
N PHE A 67 19.46 8.47 7.41
CA PHE A 67 20.89 8.27 7.24
C PHE A 67 21.43 7.31 8.31
N LEU A 68 20.97 7.47 9.54
CA LEU A 68 21.45 6.58 10.60
C LEU A 68 21.02 5.17 10.29
N LEU A 69 19.76 5.01 9.91
CA LEU A 69 19.18 3.70 9.61
C LEU A 69 19.80 3.00 8.41
N THR A 70 20.51 3.74 7.59
CA THR A 70 21.10 3.15 6.42
C THR A 70 22.60 3.27 6.38
N HIS A 71 23.27 3.20 7.54
CA HIS A 71 24.73 3.33 7.54
C HIS A 71 25.60 2.56 8.55
N GLY A 72 25.17 2.52 9.80
CA GLY A 72 25.98 1.85 10.81
C GLY A 72 25.99 0.34 10.70
N ARG A 73 26.42 -0.17 9.55
CA ARG A 73 26.44 -1.60 9.38
C ARG A 73 27.04 -2.39 10.55
N TRP A 74 27.59 -1.70 11.55
CA TRP A 74 28.13 -2.39 12.73
C TRP A 74 27.27 -2.11 13.93
N LEU A 75 27.05 -0.82 14.18
CA LEU A 75 26.24 -0.39 15.31
C LEU A 75 24.89 -1.08 15.20
N TRP A 76 24.51 -1.44 13.97
CA TRP A 76 23.23 -2.08 13.69
C TRP A 76 23.19 -3.58 13.94
N ASP A 77 24.23 -4.30 13.51
CA ASP A 77 24.26 -5.74 13.75
C ASP A 77 24.13 -5.98 15.24
N PHE A 78 24.68 -5.05 16.03
CA PHE A 78 24.62 -5.11 17.50
C PHE A 78 23.24 -4.73 18.00
N VAL A 79 22.78 -3.56 17.59
CA VAL A 79 21.46 -3.10 18.01
C VAL A 79 20.42 -4.15 17.60
N ASN A 80 20.73 -4.89 16.52
CA ASN A 80 19.86 -5.94 16.02
C ASN A 80 19.77 -7.13 16.97
N ALA A 81 20.91 -7.60 17.45
CA ALA A 81 20.97 -8.73 18.36
C ALA A 81 20.57 -8.44 19.80
N THR A 82 19.90 -7.33 20.03
CA THR A 82 19.48 -7.01 21.38
C THR A 82 18.08 -6.43 21.42
N PHE A 83 17.59 -6.21 22.64
CA PHE A 83 16.27 -5.64 22.90
C PHE A 83 16.19 -4.27 22.21
N ILE A 84 17.33 -3.61 22.10
CA ILE A 84 17.38 -2.29 21.47
C ILE A 84 16.60 -2.36 20.16
N ARG A 85 16.53 -3.57 19.61
CA ARG A 85 15.80 -3.82 18.37
C ARG A 85 14.32 -3.62 18.62
N ASP A 86 13.82 -4.25 19.67
CA ASP A 86 12.41 -4.15 20.03
C ASP A 86 12.06 -2.72 20.39
N THR A 87 12.96 -2.04 21.08
CA THR A 87 12.71 -0.67 21.49
C THR A 87 12.48 0.20 20.26
N LEU A 88 13.38 0.07 19.30
CA LEU A 88 13.27 0.84 18.06
C LEU A 88 12.02 0.44 17.29
N MET A 89 11.72 -0.85 17.22
CA MET A 89 10.54 -1.30 16.52
C MET A 89 9.35 -0.57 17.19
N ARG A 90 9.16 -0.82 18.48
CA ARG A 90 8.06 -0.20 19.23
C ARG A 90 8.05 1.31 19.05
N LEU A 91 9.21 1.87 18.77
CA LEU A 91 9.33 3.29 18.56
C LEU A 91 8.83 3.60 17.16
N VAL A 92 9.52 3.01 16.18
CA VAL A 92 9.19 3.15 14.77
C VAL A 92 7.68 3.12 14.57
N LEU A 93 7.06 2.04 15.06
CA LEU A 93 5.60 1.85 14.99
C LEU A 93 4.87 3.06 15.58
N THR A 94 4.55 2.99 16.86
CA THR A 94 3.85 4.07 17.55
C THR A 94 3.96 5.43 16.89
N VAL A 95 5.19 5.93 16.78
CA VAL A 95 5.46 7.25 16.18
C VAL A 95 4.90 7.40 14.77
N ARG A 96 5.18 6.41 13.93
CA ARG A 96 4.69 6.43 12.56
C ARG A 96 3.16 6.44 12.55
N SER A 97 2.57 5.50 13.28
CA SER A 97 1.12 5.39 13.33
C SER A 97 0.40 6.55 14.00
N ASN A 98 1.08 7.27 14.86
CA ASN A 98 0.46 8.38 15.56
C ASN A 98 0.05 9.50 14.58
N LEU A 99 0.39 9.36 13.32
CA LEU A 99 0.05 10.38 12.33
C LEU A 99 -1.28 10.19 11.60
N ILE A 100 -1.86 9.00 11.69
CA ILE A 100 -3.12 8.76 11.01
C ILE A 100 -4.30 8.89 11.96
N PRO A 101 -5.09 9.95 11.79
CA PRO A 101 -6.25 10.21 12.62
C PRO A 101 -7.18 9.01 12.72
N SER A 102 -7.30 8.43 13.92
CA SER A 102 -8.15 7.27 14.15
C SER A 102 -8.83 7.37 15.49
N PRO A 103 -10.17 7.30 15.53
CA PRO A 103 -11.12 7.14 14.41
C PRO A 103 -10.83 8.06 13.23
N PRO A 104 -11.08 7.59 12.00
CA PRO A 104 -10.85 8.35 10.77
C PRO A 104 -11.50 9.72 10.81
N THR A 105 -11.18 10.56 9.84
CA THR A 105 -11.74 11.90 9.86
C THR A 105 -12.71 12.30 8.75
N TYR A 106 -12.19 12.64 7.58
CA TYR A 106 -13.06 13.06 6.49
C TYR A 106 -13.05 12.14 5.29
N ASN A 107 -13.99 12.42 4.38
CA ASN A 107 -14.12 11.69 3.13
C ASN A 107 -14.39 12.67 1.99
N ILE A 108 -14.65 12.13 0.79
CA ILE A 108 -14.90 12.95 -0.39
C ILE A 108 -16.12 13.85 -0.28
N ALA A 109 -16.99 13.55 0.69
CA ALA A 109 -18.21 14.32 0.87
C ALA A 109 -18.19 15.35 2.01
N HIS A 110 -17.38 15.08 3.03
CA HIS A 110 -17.29 15.99 4.17
C HIS A 110 -15.87 16.44 4.55
N ASP A 111 -15.70 17.75 4.64
CA ASP A 111 -14.43 18.34 5.02
C ASP A 111 -14.57 18.73 6.49
N TYR A 112 -15.19 17.83 7.24
CA TYR A 112 -15.44 18.00 8.66
C TYR A 112 -15.91 16.68 9.26
N ILE A 113 -15.78 16.53 10.58
CA ILE A 113 -16.17 15.28 11.22
C ILE A 113 -17.67 15.07 11.17
N SER A 114 -18.09 13.86 10.82
CA SER A 114 -19.50 13.52 10.70
C SER A 114 -19.76 12.08 11.07
N TRP A 115 -20.95 11.82 11.61
CA TRP A 115 -21.31 10.47 11.98
C TRP A 115 -21.27 9.63 10.72
N GLU A 116 -21.72 10.23 9.62
CA GLU A 116 -21.76 9.56 8.32
C GLU A 116 -20.34 9.11 7.93
N SER A 117 -19.41 10.06 7.93
CA SER A 117 -18.03 9.77 7.56
C SER A 117 -17.51 8.61 8.37
N PHE A 118 -17.82 8.61 9.65
CA PHE A 118 -17.39 7.56 10.56
C PHE A 118 -17.91 6.19 10.18
N SER A 119 -19.22 6.10 9.94
CA SER A 119 -19.90 4.84 9.64
C SER A 119 -20.08 4.32 8.23
N ASN A 120 -20.04 5.18 7.20
CA ASN A 120 -20.22 4.70 5.82
C ASN A 120 -18.94 4.12 5.21
N VAL A 121 -18.61 2.90 5.62
CA VAL A 121 -17.43 2.19 5.15
C VAL A 121 -17.05 2.40 3.68
N SER A 122 -18.05 2.61 2.83
CA SER A 122 -17.81 2.78 1.41
C SER A 122 -16.80 3.89 1.11
N TYR A 123 -16.96 5.02 1.78
CA TYR A 123 -16.09 6.17 1.57
C TYR A 123 -14.60 5.92 1.90
N TYR A 124 -13.72 6.30 0.97
CA TYR A 124 -12.30 6.22 1.24
C TYR A 124 -12.11 7.40 2.20
N THR A 125 -11.03 7.42 2.98
CA THR A 125 -10.87 8.54 3.90
C THR A 125 -9.69 9.43 3.55
N ARG A 126 -9.84 10.73 3.79
CA ARG A 126 -8.76 11.66 3.49
C ARG A 126 -8.10 12.17 4.77
N ILE A 127 -6.78 12.33 4.70
CA ILE A 127 -5.98 12.81 5.80
C ILE A 127 -6.16 14.29 5.89
N LEU A 128 -5.95 14.95 4.75
CA LEU A 128 -6.13 16.39 4.70
C LEU A 128 -7.50 16.66 4.08
N PRO A 129 -8.14 17.77 4.46
CA PRO A 129 -9.43 18.01 3.84
C PRO A 129 -9.16 18.28 2.36
N SER A 130 -10.15 18.80 1.65
CA SER A 130 -9.94 19.05 0.22
C SER A 130 -9.86 20.53 -0.08
N VAL A 131 -9.25 20.87 -1.22
CA VAL A 131 -9.15 22.27 -1.63
C VAL A 131 -10.57 22.75 -1.89
N PRO A 132 -11.05 23.71 -1.10
CA PRO A 132 -12.40 24.27 -1.23
C PRO A 132 -12.87 24.57 -2.68
N ARG A 133 -14.05 24.06 -3.02
CA ARG A 133 -14.62 24.24 -4.35
C ARG A 133 -14.71 25.70 -4.79
N ASP A 134 -14.52 26.62 -3.84
CA ASP A 134 -14.60 28.03 -4.14
C ASP A 134 -13.28 28.74 -4.14
N CYS A 135 -12.20 28.01 -3.90
CA CYS A 135 -10.90 28.65 -3.86
C CYS A 135 -10.52 29.21 -5.21
N PRO A 136 -9.79 30.34 -5.21
CA PRO A 136 -9.33 31.03 -6.42
C PRO A 136 -8.70 30.03 -7.38
N THR A 137 -7.51 29.57 -7.02
CA THR A 137 -6.76 28.62 -7.82
C THR A 137 -7.21 27.19 -7.56
N PRO A 138 -6.92 26.28 -8.50
CA PRO A 138 -7.29 24.85 -8.40
C PRO A 138 -6.81 24.25 -7.08
N MET A 139 -5.61 24.66 -6.65
CA MET A 139 -4.97 24.20 -5.42
C MET A 139 -5.20 25.11 -4.21
N GLY A 140 -6.03 26.14 -4.36
CA GLY A 140 -6.29 27.03 -3.25
C GLY A 140 -5.90 28.47 -3.49
N THR A 141 -4.62 28.79 -3.27
CA THR A 141 -4.13 30.17 -3.44
C THR A 141 -3.10 30.41 -4.55
N LYS A 142 -2.09 29.56 -4.64
CA LYS A 142 -1.05 29.75 -5.64
C LYS A 142 -1.12 28.81 -6.83
N GLY A 143 -0.65 29.30 -7.98
CA GLY A 143 -0.67 28.49 -9.18
C GLY A 143 -1.40 29.18 -10.31
N LYS A 144 -1.51 28.49 -11.46
CA LYS A 144 -2.20 29.04 -12.63
C LYS A 144 -3.65 28.55 -12.68
N LYS A 145 -4.50 29.34 -13.34
CA LYS A 145 -5.92 29.02 -13.46
C LYS A 145 -6.18 27.60 -13.97
N GLN A 146 -5.13 26.93 -14.44
CA GLN A 146 -5.25 25.56 -14.93
C GLN A 146 -4.01 24.72 -14.61
N LEU A 147 -4.24 23.53 -14.07
CA LEU A 147 -3.17 22.61 -13.73
C LEU A 147 -2.62 22.05 -15.04
N PRO A 148 -1.34 21.62 -15.03
CA PRO A 148 -0.76 21.07 -16.26
C PRO A 148 -1.61 19.95 -16.87
N ASP A 149 -1.83 20.01 -18.19
CA ASP A 149 -2.61 18.97 -18.86
C ASP A 149 -1.95 17.63 -18.52
N ALA A 150 -2.58 16.89 -17.62
CA ALA A 150 -2.06 15.59 -17.17
C ALA A 150 -1.60 14.65 -18.27
N GLU A 151 -2.11 14.84 -19.48
CA GLU A 151 -1.70 14.01 -20.61
C GLU A 151 -0.24 14.36 -20.86
N PHE A 152 0.02 15.67 -20.90
CA PHE A 152 1.36 16.21 -21.13
C PHE A 152 2.30 15.89 -19.97
N LEU A 153 1.90 16.32 -18.77
CA LEU A 153 2.67 16.10 -17.55
C LEU A 153 3.21 14.68 -17.55
N SER A 154 2.33 13.71 -17.77
CA SER A 154 2.72 12.31 -17.78
C SER A 154 3.88 12.04 -18.74
N ARG A 155 3.54 11.86 -20.02
CA ARG A 155 4.52 11.56 -21.07
C ARG A 155 5.83 12.36 -20.96
N ARG A 156 5.74 13.60 -20.50
CA ARG A 156 6.89 14.49 -20.37
C ARG A 156 7.86 14.14 -19.25
N PHE A 157 7.32 13.71 -18.10
CA PHE A 157 8.12 13.38 -16.91
C PHE A 157 7.97 12.00 -16.31
N LEU A 158 6.83 11.35 -16.54
CA LEU A 158 6.61 10.02 -15.99
C LEU A 158 6.80 8.92 -17.03
N LEU A 159 6.64 9.26 -18.31
CA LEU A 159 6.80 8.26 -19.36
C LEU A 159 8.24 7.77 -19.41
N ARG A 160 8.39 6.45 -19.33
CA ARG A 160 9.70 5.83 -19.36
C ARG A 160 10.36 5.90 -20.73
N ARG A 161 11.65 6.22 -20.73
CA ARG A 161 12.42 6.27 -21.97
C ARG A 161 13.29 5.01 -21.92
N LYS A 162 14.35 5.06 -21.11
CA LYS A 162 15.22 3.89 -20.93
C LYS A 162 14.83 3.27 -19.57
N PHE A 163 14.63 1.96 -19.55
CA PHE A 163 14.25 1.28 -18.32
C PHE A 163 15.29 1.48 -17.23
N ILE A 164 14.89 2.16 -16.16
CA ILE A 164 15.78 2.42 -15.04
C ILE A 164 15.44 1.46 -13.91
N PRO A 165 16.21 0.37 -13.81
CA PRO A 165 16.04 -0.67 -12.79
C PRO A 165 16.22 -0.16 -11.37
N ASP A 166 15.54 -0.81 -10.42
CA ASP A 166 15.63 -0.40 -9.02
C ASP A 166 17.00 -0.68 -8.42
N PRO A 167 17.73 0.38 -8.07
CA PRO A 167 19.05 0.15 -7.48
C PRO A 167 19.00 -0.81 -6.28
N GLN A 168 17.88 -0.82 -5.55
CA GLN A 168 17.74 -1.66 -4.35
C GLN A 168 17.65 -3.18 -4.56
N GLY A 169 17.69 -3.62 -5.82
CA GLY A 169 17.63 -5.04 -6.07
C GLY A 169 16.24 -5.65 -6.18
N THR A 170 15.22 -4.84 -5.88
CA THR A 170 13.85 -5.31 -5.95
C THR A 170 13.65 -6.07 -7.24
N ASN A 171 12.86 -7.14 -7.21
CA ASN A 171 12.60 -7.93 -8.40
C ASN A 171 11.12 -7.94 -8.73
N LEU A 172 10.73 -8.75 -9.70
CA LEU A 172 9.34 -8.86 -10.12
C LEU A 172 8.52 -9.71 -9.16
N MET A 173 9.16 -10.71 -8.57
CA MET A 173 8.47 -11.56 -7.62
C MET A 173 7.89 -10.64 -6.56
N PHE A 174 8.55 -9.50 -6.34
CA PHE A 174 8.09 -8.51 -5.38
C PHE A 174 7.03 -7.64 -6.05
N ALA A 175 7.33 -7.22 -7.28
CA ALA A 175 6.43 -6.39 -8.06
C ALA A 175 4.97 -6.86 -8.02
N PHE A 176 4.75 -8.16 -8.16
CA PHE A 176 3.40 -8.67 -8.14
C PHE A 176 2.84 -8.79 -6.74
N PHE A 177 3.54 -9.52 -5.87
CA PHE A 177 3.07 -9.65 -4.48
C PHE A 177 2.58 -8.29 -4.04
N ALA A 178 3.34 -7.26 -4.38
CA ALA A 178 2.99 -5.89 -4.05
C ALA A 178 1.62 -5.56 -4.63
N GLN A 179 1.45 -5.85 -5.92
CA GLN A 179 0.18 -5.58 -6.61
C GLN A 179 -0.94 -6.43 -6.03
N HIS A 180 -0.71 -7.73 -5.95
CA HIS A 180 -1.70 -8.64 -5.40
C HIS A 180 -2.11 -8.08 -4.06
N PHE A 181 -1.19 -8.12 -3.11
CA PHE A 181 -1.45 -7.64 -1.76
C PHE A 181 -2.19 -6.31 -1.67
N THR A 182 -1.83 -5.31 -2.45
CA THR A 182 -2.51 -4.02 -2.34
C THR A 182 -3.92 -3.98 -2.88
N HIS A 183 -4.32 -5.00 -3.64
CA HIS A 183 -5.67 -4.96 -4.21
C HIS A 183 -6.76 -5.54 -3.34
N GLN A 184 -6.51 -5.72 -2.05
CA GLN A 184 -7.54 -6.23 -1.18
C GLN A 184 -8.20 -5.05 -0.47
N PHE A 185 -7.50 -3.91 -0.44
CA PHE A 185 -8.03 -2.69 0.18
C PHE A 185 -8.26 -1.56 -0.82
N PHE A 186 -7.54 -1.59 -1.94
CA PHE A 186 -7.72 -0.60 -2.99
C PHE A 186 -8.64 -1.25 -4.06
N LYS A 187 -9.89 -0.80 -4.10
CA LYS A 187 -10.88 -1.31 -5.05
C LYS A 187 -11.86 -0.19 -5.30
N THR A 188 -11.42 0.81 -6.05
CA THR A 188 -12.30 1.95 -6.31
C THR A 188 -13.48 1.48 -7.15
N SER A 189 -14.67 1.86 -6.72
CA SER A 189 -15.93 1.51 -7.37
C SER A 189 -16.19 2.34 -8.63
N GLY A 190 -16.18 1.69 -9.79
CA GLY A 190 -16.46 2.40 -11.01
C GLY A 190 -17.80 3.10 -10.87
N LYS A 191 -18.80 2.36 -10.36
CA LYS A 191 -20.17 2.86 -10.15
C LYS A 191 -20.25 4.16 -9.32
N MET A 192 -19.89 4.08 -8.05
CA MET A 192 -19.91 5.21 -7.11
C MET A 192 -18.85 6.26 -7.48
N GLY A 193 -17.78 5.79 -8.12
CA GLY A 193 -16.73 6.69 -8.57
C GLY A 193 -15.52 6.88 -7.68
N PRO A 194 -14.66 7.86 -8.00
CA PRO A 194 -13.46 8.15 -7.21
C PRO A 194 -13.86 8.49 -5.78
N GLY A 195 -13.05 8.02 -4.83
CA GLY A 195 -13.34 8.30 -3.44
C GLY A 195 -14.22 7.30 -2.73
N PHE A 196 -14.56 6.19 -3.40
CA PHE A 196 -15.40 5.13 -2.83
C PHE A 196 -14.74 3.77 -3.04
N THR A 197 -15.01 2.81 -2.15
CA THR A 197 -14.36 1.51 -2.30
C THR A 197 -15.26 0.30 -2.07
N LYS A 198 -15.06 -0.74 -2.87
CA LYS A 198 -15.85 -1.96 -2.71
C LYS A 198 -15.20 -2.75 -1.60
N ALA A 199 -13.88 -2.62 -1.50
CA ALA A 199 -13.07 -3.30 -0.49
C ALA A 199 -13.37 -2.71 0.87
N LEU A 200 -14.48 -3.17 1.44
CA LEU A 200 -14.89 -2.73 2.76
C LEU A 200 -13.96 -3.53 3.66
N GLY A 201 -13.85 -3.15 4.93
CA GLY A 201 -12.95 -3.86 5.81
C GLY A 201 -11.62 -3.15 5.82
N HIS A 202 -11.43 -2.29 4.82
CA HIS A 202 -10.24 -1.46 4.66
C HIS A 202 -8.94 -1.98 5.24
N GLY A 203 -8.49 -3.16 4.87
CA GLY A 203 -7.24 -3.61 5.46
C GLY A 203 -6.76 -4.93 4.95
N VAL A 204 -6.13 -5.71 5.82
CA VAL A 204 -5.62 -7.00 5.41
C VAL A 204 -6.58 -8.07 5.89
N ASP A 205 -7.69 -8.19 5.17
CA ASP A 205 -8.70 -9.18 5.48
C ASP A 205 -8.71 -10.26 4.40
N LEU A 206 -7.73 -10.19 3.51
CA LEU A 206 -7.60 -11.14 2.41
C LEU A 206 -8.87 -11.28 1.57
N GLY A 207 -9.67 -10.21 1.56
CA GLY A 207 -10.91 -10.19 0.79
C GLY A 207 -10.58 -10.11 -0.70
N HIS A 208 -9.41 -10.62 -1.04
CA HIS A 208 -8.94 -10.64 -2.41
C HIS A 208 -8.58 -12.11 -2.60
N ILE A 209 -9.04 -12.91 -1.65
CA ILE A 209 -8.84 -14.34 -1.68
C ILE A 209 -10.22 -14.93 -1.43
N TYR A 210 -10.76 -14.64 -0.24
CA TYR A 210 -12.05 -15.14 0.16
C TYR A 210 -13.13 -14.23 -0.39
N GLY A 211 -12.74 -13.29 -1.22
CA GLY A 211 -13.73 -12.38 -1.78
C GLY A 211 -14.21 -11.34 -0.81
N ASP A 212 -14.90 -10.33 -1.32
CA ASP A 212 -15.41 -9.23 -0.51
C ASP A 212 -16.92 -9.21 -0.31
N ASN A 213 -17.48 -10.37 0.06
CA ASN A 213 -18.92 -10.53 0.32
C ASN A 213 -19.10 -12.01 0.65
N LEU A 214 -19.98 -12.30 1.63
CA LEU A 214 -20.21 -13.68 2.08
C LEU A 214 -20.53 -14.69 0.97
N GLU A 215 -21.36 -14.26 0.03
CA GLU A 215 -21.82 -15.06 -1.09
C GLU A 215 -20.64 -15.49 -1.96
N ARG A 216 -19.97 -14.49 -2.52
CA ARG A 216 -18.81 -14.74 -3.38
C ARG A 216 -17.85 -15.69 -2.68
N GLN A 217 -17.85 -15.60 -1.36
CA GLN A 217 -17.00 -16.45 -0.52
C GLN A 217 -17.54 -17.86 -0.60
N TYR A 218 -18.82 -17.98 -0.27
CA TYR A 218 -19.55 -19.24 -0.29
C TYR A 218 -19.43 -19.89 -1.66
N GLN A 219 -19.65 -19.10 -2.71
CA GLN A 219 -19.55 -19.60 -4.07
C GLN A 219 -18.14 -20.13 -4.31
N LEU A 220 -17.18 -19.62 -3.55
CA LEU A 220 -15.79 -20.03 -3.65
C LEU A 220 -15.43 -21.14 -2.68
N ARG A 221 -16.18 -21.21 -1.61
CA ARG A 221 -15.93 -22.17 -0.57
C ARG A 221 -16.42 -23.56 -0.93
N LEU A 222 -15.56 -24.55 -0.72
CA LEU A 222 -15.87 -25.95 -1.00
C LEU A 222 -16.56 -26.63 0.21
N PHE A 223 -17.12 -25.80 1.09
CA PHE A 223 -17.80 -26.24 2.31
C PHE A 223 -17.59 -27.65 2.79
N LYS A 224 -16.34 -28.07 2.87
CA LYS A 224 -16.00 -29.39 3.36
C LYS A 224 -14.55 -29.27 3.79
N ASP A 225 -14.29 -29.60 5.05
CA ASP A 225 -12.94 -29.50 5.64
C ASP A 225 -12.48 -28.04 5.65
N GLY A 226 -13.44 -27.12 5.61
CA GLY A 226 -13.12 -25.72 5.62
C GLY A 226 -12.29 -25.22 4.44
N LYS A 227 -11.93 -26.14 3.57
CA LYS A 227 -11.12 -25.82 2.41
C LYS A 227 -11.84 -25.03 1.33
N LEU A 228 -11.06 -24.64 0.33
CA LEU A 228 -11.57 -23.92 -0.83
C LEU A 228 -11.53 -24.85 -2.03
N LYS A 229 -12.41 -24.58 -3.00
CA LYS A 229 -12.48 -25.39 -4.21
C LYS A 229 -11.15 -25.35 -4.94
N TYR A 230 -11.04 -26.04 -6.06
CA TYR A 230 -9.79 -26.05 -6.81
C TYR A 230 -9.83 -27.15 -7.86
N GLN A 231 -8.79 -27.21 -8.70
CA GLN A 231 -8.74 -28.19 -9.78
C GLN A 231 -7.33 -28.58 -10.18
N MET A 232 -7.05 -29.88 -10.13
CA MET A 232 -5.74 -30.42 -10.48
C MET A 232 -5.47 -30.41 -11.98
N LEU A 233 -4.58 -29.51 -12.42
CA LEU A 233 -4.23 -29.44 -13.83
C LEU A 233 -2.73 -29.75 -13.94
N ASN A 234 -2.41 -30.90 -14.54
CA ASN A 234 -1.02 -31.34 -14.71
C ASN A 234 -0.55 -32.10 -13.47
N GLY A 235 -1.43 -32.14 -12.47
CA GLY A 235 -1.13 -32.81 -11.22
C GLY A 235 -1.04 -31.79 -10.10
N GLU A 236 -0.79 -30.53 -10.46
CA GLU A 236 -0.66 -29.47 -9.46
C GLU A 236 -2.01 -28.76 -9.23
N VAL A 237 -2.24 -28.35 -7.99
CA VAL A 237 -3.48 -27.65 -7.61
C VAL A 237 -3.58 -26.21 -8.09
N TYR A 238 -4.72 -25.84 -8.64
CA TYR A 238 -4.94 -24.47 -9.10
C TYR A 238 -6.33 -24.01 -8.67
N PRO A 239 -6.64 -22.74 -8.88
CA PRO A 239 -7.98 -22.28 -8.47
C PRO A 239 -9.02 -22.95 -9.35
N PRO A 240 -10.29 -22.89 -8.92
CA PRO A 240 -11.39 -23.49 -9.68
C PRO A 240 -11.95 -22.46 -10.70
N SER A 241 -12.47 -22.98 -11.83
CA SER A 241 -13.04 -22.15 -12.90
C SER A 241 -14.45 -21.72 -12.51
N VAL A 242 -15.07 -20.83 -13.29
CA VAL A 242 -16.41 -20.42 -12.91
C VAL A 242 -17.39 -21.62 -12.93
N GLU A 243 -17.00 -22.69 -13.62
CA GLU A 243 -17.82 -23.89 -13.71
C GLU A 243 -17.66 -24.80 -12.46
N GLU A 244 -18.07 -24.26 -11.31
CA GLU A 244 -18.05 -24.90 -9.98
C GLU A 244 -17.99 -23.75 -8.98
N ALA A 245 -17.22 -22.72 -9.36
CA ALA A 245 -17.08 -21.52 -8.56
C ALA A 245 -17.78 -20.45 -9.42
N PRO A 246 -19.11 -20.55 -9.50
CA PRO A 246 -20.01 -19.67 -10.26
C PRO A 246 -19.91 -18.22 -9.84
N VAL A 247 -18.72 -17.63 -9.92
CA VAL A 247 -18.66 -16.24 -9.50
C VAL A 247 -17.99 -15.26 -10.42
N LEU A 248 -18.54 -14.05 -10.40
CA LEU A 248 -18.08 -12.94 -11.21
C LEU A 248 -16.56 -12.90 -11.41
N MET A 249 -16.13 -12.34 -12.54
CA MET A 249 -14.72 -12.19 -12.90
C MET A 249 -14.62 -11.13 -14.03
N HIS A 250 -13.50 -11.04 -14.73
CA HIS A 250 -13.35 -10.06 -15.80
C HIS A 250 -12.59 -10.61 -17.00
N TYR A 251 -12.40 -11.92 -17.00
CA TYR A 251 -11.73 -12.56 -18.12
C TYR A 251 -12.37 -12.07 -19.42
N PRO A 252 -11.57 -11.80 -20.46
CA PRO A 252 -12.14 -11.32 -21.72
C PRO A 252 -13.08 -12.37 -22.39
N ARG A 253 -14.10 -11.85 -23.06
CA ARG A 253 -15.11 -12.65 -23.78
C ARG A 253 -14.45 -13.61 -24.76
N GLY A 254 -14.23 -14.84 -24.34
CA GLY A 254 -13.57 -15.78 -25.23
C GLY A 254 -13.75 -17.24 -24.86
N ILE A 255 -13.19 -17.66 -23.73
CA ILE A 255 -13.36 -19.05 -23.29
C ILE A 255 -13.85 -19.06 -21.85
N PRO A 256 -15.00 -18.43 -21.58
CA PRO A 256 -15.57 -18.39 -20.22
C PRO A 256 -15.68 -19.74 -19.47
N PRO A 257 -15.36 -20.89 -20.12
CA PRO A 257 -15.46 -22.15 -19.36
C PRO A 257 -14.13 -22.62 -18.78
N GLN A 258 -13.31 -23.23 -19.63
CA GLN A 258 -12.01 -23.73 -19.21
C GLN A 258 -10.96 -22.62 -18.99
N SER A 259 -10.03 -22.88 -18.07
CA SER A 259 -8.97 -21.93 -17.75
C SER A 259 -9.48 -20.50 -17.43
N GLN A 260 -10.76 -20.44 -17.01
CA GLN A 260 -11.40 -19.20 -16.63
C GLN A 260 -11.68 -19.40 -15.13
N MET A 261 -10.65 -19.13 -14.32
CA MET A 261 -10.63 -19.31 -12.86
C MET A 261 -11.21 -18.24 -11.93
N ALA A 262 -11.87 -18.71 -10.86
CA ALA A 262 -12.47 -17.85 -9.84
C ALA A 262 -11.48 -17.73 -8.66
N VAL A 263 -11.30 -16.51 -8.14
CA VAL A 263 -10.31 -16.30 -7.11
C VAL A 263 -10.73 -15.60 -5.85
N GLY A 264 -11.46 -14.50 -6.01
CA GLY A 264 -11.88 -13.74 -4.85
C GLY A 264 -11.63 -12.29 -5.19
N GLN A 265 -10.64 -12.09 -6.04
CA GLN A 265 -10.32 -10.74 -6.49
C GLN A 265 -10.65 -10.72 -7.98
N GLU A 266 -11.86 -10.25 -8.26
CA GLU A 266 -12.39 -10.18 -9.61
C GLU A 266 -11.38 -10.02 -10.75
N VAL A 267 -10.47 -9.05 -10.63
CA VAL A 267 -9.53 -8.77 -11.71
C VAL A 267 -8.29 -9.66 -11.88
N PHE A 268 -8.04 -10.54 -10.92
CA PHE A 268 -6.87 -11.43 -10.92
C PHE A 268 -6.65 -12.44 -12.05
N GLY A 269 -7.35 -12.28 -13.16
CA GLY A 269 -7.16 -13.20 -14.26
C GLY A 269 -6.36 -12.46 -15.32
N LEU A 270 -6.43 -11.14 -15.25
CA LEU A 270 -5.78 -10.27 -16.20
C LEU A 270 -4.26 -10.16 -16.16
N LEU A 271 -3.59 -11.05 -15.44
CA LEU A 271 -2.13 -11.06 -15.34
C LEU A 271 -1.70 -12.30 -14.59
N PRO A 272 -0.83 -13.12 -15.20
CA PRO A 272 -0.40 -14.34 -14.53
C PRO A 272 0.11 -14.11 -13.09
N GLY A 273 0.80 -12.99 -12.89
CA GLY A 273 1.33 -12.71 -11.56
C GLY A 273 0.26 -12.75 -10.49
N LEU A 274 -0.87 -12.12 -10.77
CA LEU A 274 -1.95 -12.09 -9.81
C LEU A 274 -2.51 -13.49 -9.59
N MET A 275 -2.90 -14.15 -10.67
CA MET A 275 -3.46 -15.50 -10.57
C MET A 275 -2.43 -16.42 -9.87
N LEU A 276 -1.15 -16.19 -10.15
CA LEU A 276 -0.07 -16.97 -9.56
C LEU A 276 -0.21 -16.93 -8.05
N TYR A 277 0.08 -15.78 -7.45
CA TYR A 277 -0.03 -15.65 -6.01
C TYR A 277 -1.37 -16.20 -5.55
N ALA A 278 -2.46 -15.77 -6.20
CA ALA A 278 -3.81 -16.21 -5.87
C ALA A 278 -3.84 -17.72 -5.62
N THR A 279 -3.09 -18.43 -6.46
CA THR A 279 -2.95 -19.88 -6.41
C THR A 279 -2.16 -20.24 -5.17
N ILE A 280 -1.06 -19.55 -4.98
CA ILE A 280 -0.17 -19.80 -3.85
C ILE A 280 -0.91 -19.71 -2.53
N TRP A 281 -1.68 -18.64 -2.36
CA TRP A 281 -2.41 -18.48 -1.12
C TRP A 281 -3.47 -19.56 -0.96
N LEU A 282 -4.30 -19.77 -1.98
CA LEU A 282 -5.33 -20.81 -1.91
C LEU A 282 -4.66 -22.11 -1.54
N ARG A 283 -3.57 -22.40 -2.25
CA ARG A 283 -2.81 -23.61 -2.00
C ARG A 283 -2.40 -23.65 -0.53
N GLU A 284 -2.19 -22.47 0.06
CA GLU A 284 -1.79 -22.37 1.46
C GLU A 284 -2.96 -22.63 2.38
N HIS A 285 -4.03 -21.85 2.19
CA HIS A 285 -5.22 -22.00 3.00
C HIS A 285 -5.59 -23.46 3.24
N ASN A 286 -5.89 -24.16 2.15
CA ASN A 286 -6.25 -25.57 2.23
C ASN A 286 -5.15 -26.31 2.99
N ARG A 287 -3.91 -25.87 2.81
CA ARG A 287 -2.78 -26.51 3.51
C ARG A 287 -2.94 -26.28 5.02
N VAL A 288 -3.29 -25.05 5.40
CA VAL A 288 -3.51 -24.70 6.80
C VAL A 288 -4.67 -25.54 7.34
N CYS A 289 -5.64 -25.86 6.48
CA CYS A 289 -6.78 -26.66 6.91
C CYS A 289 -6.37 -28.09 7.25
N ASP A 290 -5.50 -28.65 6.42
CA ASP A 290 -5.05 -30.01 6.63
C ASP A 290 -4.41 -30.14 8.01
N LEU A 291 -3.58 -29.18 8.37
CA LEU A 291 -2.94 -29.20 9.67
C LEU A 291 -4.00 -29.13 10.77
N LEU A 292 -4.73 -28.02 10.81
CA LEU A 292 -5.78 -27.82 11.80
C LEU A 292 -6.63 -29.06 12.06
N LYS A 293 -7.27 -29.57 10.99
CA LYS A 293 -8.15 -30.75 11.05
C LYS A 293 -7.57 -31.92 11.82
N ALA A 294 -6.25 -32.07 11.73
CA ALA A 294 -5.55 -33.15 12.42
C ALA A 294 -5.57 -32.85 13.91
N GLU A 295 -5.39 -31.58 14.23
CA GLU A 295 -5.35 -31.11 15.60
C GLU A 295 -6.74 -31.05 16.19
N HIS A 296 -7.74 -30.86 15.33
CA HIS A 296 -9.12 -30.76 15.81
C HIS A 296 -10.15 -31.51 14.96
N PRO A 297 -10.21 -32.84 15.11
CA PRO A 297 -11.19 -33.61 14.34
C PRO A 297 -12.62 -33.23 14.70
N THR A 298 -12.85 -32.90 15.97
CA THR A 298 -14.20 -32.55 16.40
C THR A 298 -14.63 -31.19 15.89
N TRP A 299 -13.93 -30.70 14.88
CA TRP A 299 -14.22 -29.39 14.29
C TRP A 299 -15.03 -29.47 12.99
N GLY A 300 -15.95 -28.51 12.81
CA GLY A 300 -16.77 -28.49 11.61
C GLY A 300 -16.11 -27.73 10.48
N ASP A 301 -16.89 -27.38 9.46
CA ASP A 301 -16.39 -26.65 8.30
C ASP A 301 -16.18 -25.16 8.59
N GLU A 302 -17.21 -24.49 9.11
CA GLU A 302 -17.12 -23.07 9.44
C GLU A 302 -15.85 -22.71 10.22
N GLN A 303 -15.57 -23.45 11.30
CA GLN A 303 -14.38 -23.20 12.09
C GLN A 303 -13.15 -23.34 11.21
N LEU A 304 -12.86 -24.57 10.77
CA LEU A 304 -11.72 -24.83 9.91
C LEU A 304 -11.48 -23.70 8.91
N PHE A 305 -12.54 -23.17 8.36
CA PHE A 305 -12.44 -22.07 7.41
C PHE A 305 -11.93 -20.80 8.12
N GLN A 306 -12.79 -20.17 8.93
CA GLN A 306 -12.40 -18.95 9.65
C GLN A 306 -11.02 -18.98 10.28
N THR A 307 -10.73 -20.01 11.06
CA THR A 307 -9.43 -20.10 11.71
C THR A 307 -8.26 -20.09 10.73
N ALA A 308 -8.38 -20.84 9.64
CA ALA A 308 -7.29 -20.88 8.66
C ALA A 308 -7.19 -19.50 8.01
N ARG A 309 -8.31 -18.80 7.93
CA ARG A 309 -8.31 -17.48 7.33
C ARG A 309 -7.42 -16.57 8.17
N LEU A 310 -7.67 -16.58 9.47
CA LEU A 310 -6.89 -15.78 10.39
C LEU A 310 -5.40 -16.14 10.27
N ILE A 311 -5.10 -17.43 10.19
CA ILE A 311 -3.71 -17.86 10.04
C ILE A 311 -3.09 -17.28 8.76
N LEU A 312 -3.91 -16.85 7.83
CA LEU A 312 -3.37 -16.27 6.60
C LEU A 312 -3.33 -14.76 6.72
N ILE A 313 -4.23 -14.21 7.53
CA ILE A 313 -4.27 -12.78 7.77
C ILE A 313 -3.03 -12.52 8.60
N GLY A 314 -2.65 -13.52 9.38
CA GLY A 314 -1.47 -13.41 10.20
C GLY A 314 -0.30 -13.51 9.25
N GLU A 315 0.01 -14.72 8.80
CA GLU A 315 1.11 -14.93 7.89
C GLU A 315 1.39 -13.74 6.97
N THR A 316 0.35 -13.21 6.32
CA THR A 316 0.51 -12.07 5.42
C THR A 316 1.09 -10.85 6.14
N ILE A 317 0.51 -10.52 7.28
CA ILE A 317 0.97 -9.36 8.02
C ILE A 317 2.41 -9.54 8.47
N LYS A 318 2.86 -10.79 8.57
CA LYS A 318 4.22 -11.02 9.01
C LYS A 318 5.18 -10.88 7.85
N ILE A 319 4.87 -11.52 6.73
CA ILE A 319 5.75 -11.41 5.59
C ILE A 319 5.77 -9.98 5.06
N VAL A 320 4.62 -9.35 5.01
CA VAL A 320 4.60 -7.99 4.52
C VAL A 320 5.55 -7.11 5.35
N ILE A 321 5.58 -7.30 6.67
CA ILE A 321 6.45 -6.49 7.51
C ILE A 321 7.92 -6.91 7.58
N GLU A 322 8.21 -8.13 8.02
CA GLU A 322 9.61 -8.53 8.11
C GLU A 322 10.34 -8.82 6.80
N GLU A 323 9.64 -8.78 5.67
CA GLU A 323 10.26 -9.04 4.36
C GLU A 323 9.87 -8.02 3.28
N TYR A 324 8.61 -7.67 3.21
CA TYR A 324 8.17 -6.72 2.21
C TYR A 324 8.72 -5.33 2.56
N VAL A 325 8.23 -4.76 3.66
CA VAL A 325 8.68 -3.42 4.07
C VAL A 325 10.18 -3.37 4.28
N GLN A 326 10.74 -4.46 4.77
CA GLN A 326 12.17 -4.56 5.02
C GLN A 326 12.92 -4.20 3.73
N GLN A 327 12.76 -5.03 2.70
CA GLN A 327 13.41 -4.82 1.42
C GLN A 327 13.23 -3.40 0.93
N LEU A 328 12.01 -2.92 1.00
CA LEU A 328 11.69 -1.60 0.57
C LEU A 328 12.45 -0.55 1.38
N SER A 329 12.42 -0.73 2.70
CA SER A 329 13.07 0.20 3.62
C SER A 329 14.55 0.43 3.35
N GLY A 330 15.30 -0.66 3.21
CA GLY A 330 16.72 -0.57 2.98
C GLY A 330 17.43 -0.37 4.31
N TYR A 331 16.66 -0.48 5.39
CA TYR A 331 17.21 -0.31 6.73
C TYR A 331 18.16 -1.42 7.14
N PHE A 332 19.02 -1.09 8.10
CA PHE A 332 19.97 -2.05 8.65
C PHE A 332 19.25 -2.61 9.87
N LEU A 333 18.33 -1.80 10.38
CA LEU A 333 17.52 -2.20 11.51
C LEU A 333 16.70 -3.32 10.90
N GLN A 334 16.54 -4.39 11.65
CA GLN A 334 15.81 -5.54 11.18
C GLN A 334 14.39 -5.46 11.71
N LEU A 335 13.47 -4.97 10.89
CA LEU A 335 12.07 -4.86 11.28
C LEU A 335 11.56 -6.13 11.94
N LYS A 336 10.53 -6.01 12.76
CA LYS A 336 9.96 -7.17 13.43
C LYS A 336 8.47 -7.06 13.71
N PHE A 337 7.76 -8.15 13.45
CA PHE A 337 6.33 -8.20 13.68
C PHE A 337 6.00 -8.97 14.95
N ASP A 338 5.65 -8.22 15.99
CA ASP A 338 5.29 -8.78 17.27
C ASP A 338 4.28 -7.85 17.91
N PRO A 339 3.00 -8.07 17.62
CA PRO A 339 1.86 -7.29 18.13
C PRO A 339 1.97 -6.85 19.58
N GLU A 340 2.61 -7.66 20.41
CA GLU A 340 2.75 -7.35 21.82
C GLU A 340 3.52 -6.05 22.07
N LEU A 341 4.33 -5.64 21.10
CA LEU A 341 5.12 -4.41 21.23
C LEU A 341 4.29 -3.18 21.50
N LEU A 342 2.99 -3.25 21.24
CA LEU A 342 2.11 -2.11 21.44
C LEU A 342 1.13 -2.34 22.57
N PHE A 343 1.16 -3.52 23.19
CA PHE A 343 0.22 -3.79 24.26
C PHE A 343 0.28 -2.79 25.40
N GLY A 344 1.31 -1.94 25.39
CA GLY A 344 1.45 -0.95 26.43
C GLY A 344 1.19 0.46 25.94
N ALA A 345 0.87 0.59 24.66
CA ALA A 345 0.61 1.89 24.06
C ALA A 345 -0.86 2.14 23.87
N GLN A 346 -1.20 3.38 23.55
CA GLN A 346 -2.58 3.72 23.28
C GLN A 346 -2.68 3.59 21.78
N PHE A 347 -3.30 2.51 21.32
CA PHE A 347 -3.38 2.28 19.89
C PHE A 347 -4.71 1.70 19.44
N GLN A 348 -5.45 2.46 18.63
CA GLN A 348 -6.73 2.01 18.12
C GLN A 348 -6.55 0.87 17.12
N TYR A 349 -7.28 -0.23 17.30
CA TYR A 349 -7.17 -1.35 16.38
C TYR A 349 -8.25 -1.26 15.28
N ARG A 350 -8.15 -0.22 14.47
CA ARG A 350 -9.11 0.01 13.39
C ARG A 350 -8.42 0.82 12.31
N ASN A 351 -8.76 0.54 11.06
CA ASN A 351 -8.17 1.26 9.94
C ASN A 351 -9.21 1.60 8.88
N ARG A 352 -8.91 2.62 8.09
CA ARG A 352 -9.78 3.08 7.04
C ARG A 352 -8.87 3.57 5.94
N ILE A 353 -8.78 2.83 4.84
CA ILE A 353 -7.92 3.22 3.73
C ILE A 353 -8.17 4.65 3.28
N ALA A 354 -7.08 5.35 2.96
CA ALA A 354 -7.13 6.74 2.55
C ALA A 354 -6.83 6.95 1.08
N MET A 355 -7.56 7.86 0.45
CA MET A 355 -7.37 8.18 -0.95
C MET A 355 -5.95 8.61 -1.19
N GLU A 356 -5.37 9.35 -0.25
CA GLU A 356 -3.99 9.78 -0.41
C GLU A 356 -3.05 8.60 -0.31
N PHE A 357 -3.42 7.59 0.48
CA PHE A 357 -2.57 6.42 0.63
C PHE A 357 -2.73 5.58 -0.62
N ASN A 358 -3.87 5.73 -1.27
CA ASN A 358 -4.16 5.03 -2.51
C ASN A 358 -3.27 5.59 -3.62
N GLN A 359 -3.41 6.87 -3.92
CA GLN A 359 -2.60 7.47 -4.97
C GLN A 359 -1.16 7.07 -4.79
N LEU A 360 -0.61 7.40 -3.63
CA LEU A 360 0.77 7.11 -3.26
C LEU A 360 1.25 5.70 -3.61
N TYR A 361 0.33 4.74 -3.55
CA TYR A 361 0.68 3.35 -3.82
C TYR A 361 0.70 2.98 -5.30
N HIS A 362 0.58 3.97 -6.16
CA HIS A 362 0.62 3.70 -7.59
C HIS A 362 2.05 3.57 -8.03
N TRP A 363 2.63 2.42 -7.74
CA TRP A 363 4.01 2.10 -8.08
C TRP A 363 4.12 1.41 -9.43
N HIS A 364 3.31 1.84 -10.40
CA HIS A 364 3.32 1.24 -11.72
C HIS A 364 4.70 1.18 -12.39
N PRO A 365 5.56 2.19 -12.14
CA PRO A 365 6.89 2.17 -12.75
C PRO A 365 7.69 0.91 -12.37
N LEU A 366 7.16 0.11 -11.45
CA LEU A 366 7.81 -1.14 -11.05
C LEU A 366 7.85 -2.09 -12.26
N MET A 367 6.73 -2.20 -12.94
CA MET A 367 6.59 -3.06 -14.12
C MET A 367 7.62 -2.72 -15.17
N PRO A 368 8.38 -3.73 -15.61
CA PRO A 368 9.45 -3.69 -16.60
C PRO A 368 9.05 -3.42 -18.05
N ASP A 369 9.95 -3.78 -18.97
CA ASP A 369 9.72 -3.61 -20.41
C ASP A 369 9.00 -4.85 -20.97
N SER A 370 9.58 -6.02 -20.77
CA SER A 370 8.96 -7.25 -21.21
C SER A 370 8.92 -8.16 -20.00
N PHE A 371 8.82 -9.46 -20.21
CA PHE A 371 8.78 -10.40 -19.08
C PHE A 371 9.55 -11.66 -19.41
N ARG A 372 10.79 -11.70 -18.96
CA ARG A 372 11.66 -12.84 -19.20
C ARG A 372 11.16 -14.03 -18.38
N VAL A 373 11.18 -15.21 -19.00
CA VAL A 373 10.74 -16.42 -18.32
C VAL A 373 11.64 -17.57 -18.80
N GLY A 374 12.89 -17.52 -18.34
CA GLY A 374 13.87 -18.52 -18.73
C GLY A 374 14.35 -18.07 -20.09
N PRO A 375 14.26 -18.91 -21.12
CA PRO A 375 14.72 -18.41 -22.42
C PRO A 375 13.65 -17.54 -23.12
N GLN A 376 12.36 -17.81 -22.86
CA GLN A 376 11.27 -17.02 -23.45
C GLN A 376 11.43 -15.54 -23.08
N ASP A 377 10.50 -14.69 -23.52
CA ASP A 377 10.56 -13.26 -23.17
C ASP A 377 9.29 -12.51 -23.54
N TYR A 378 8.16 -13.02 -23.06
CA TYR A 378 6.84 -12.43 -23.35
C TYR A 378 6.74 -10.91 -23.26
N SER A 379 5.97 -10.32 -24.18
CA SER A 379 5.76 -8.88 -24.19
C SER A 379 4.45 -8.64 -23.46
N TYR A 380 3.99 -7.40 -23.45
CA TYR A 380 2.75 -7.10 -22.78
C TYR A 380 1.56 -7.78 -23.44
N GLU A 381 1.54 -7.76 -24.77
CA GLU A 381 0.47 -8.37 -25.55
C GLU A 381 0.38 -9.82 -25.12
N GLN A 382 1.53 -10.50 -25.19
CA GLN A 382 1.63 -11.91 -24.82
C GLN A 382 1.25 -12.13 -23.35
N PHE A 383 1.87 -11.34 -22.49
CA PHE A 383 1.68 -11.45 -21.05
C PHE A 383 0.26 -11.15 -20.64
N LEU A 384 -0.11 -9.88 -20.70
CA LEU A 384 -1.45 -9.47 -20.35
C LEU A 384 -2.52 -10.44 -20.86
N PHE A 385 -3.53 -10.66 -20.03
CA PHE A 385 -4.65 -11.54 -20.32
C PHE A 385 -4.28 -12.93 -20.78
N ASN A 386 -3.01 -13.28 -20.74
CA ASN A 386 -2.65 -14.63 -21.15
C ASN A 386 -3.41 -15.52 -20.18
N THR A 387 -3.50 -16.81 -20.45
CA THR A 387 -4.24 -17.66 -19.53
C THR A 387 -3.77 -19.10 -19.41
N SER A 388 -2.62 -19.38 -20.02
CA SER A 388 -2.08 -20.74 -19.95
C SER A 388 -0.67 -20.63 -19.38
N MET A 389 -0.08 -19.45 -19.54
CA MET A 389 1.26 -19.18 -19.05
C MET A 389 1.44 -19.77 -17.67
N LEU A 390 0.49 -19.47 -16.79
CA LEU A 390 0.52 -19.95 -15.43
C LEU A 390 0.53 -21.47 -15.29
N VAL A 391 -0.44 -22.14 -15.92
CA VAL A 391 -0.53 -23.58 -15.84
C VAL A 391 0.47 -24.19 -16.79
N ASP A 392 0.87 -23.41 -17.78
CA ASP A 392 1.85 -23.87 -18.75
C ASP A 392 3.16 -24.12 -18.03
N TYR A 393 3.72 -23.04 -17.52
CA TYR A 393 4.99 -23.04 -16.81
C TYR A 393 5.04 -23.66 -15.43
N GLY A 394 3.92 -23.61 -14.71
CA GLY A 394 3.90 -24.16 -13.36
C GLY A 394 4.42 -23.12 -12.37
N VAL A 395 3.86 -23.14 -11.16
CA VAL A 395 4.23 -22.17 -10.12
C VAL A 395 5.74 -22.12 -9.88
N GLU A 396 6.32 -23.22 -9.39
CA GLU A 396 7.76 -23.26 -9.12
C GLU A 396 8.52 -22.42 -10.12
N ALA A 397 8.38 -22.80 -11.39
CA ALA A 397 9.06 -22.13 -12.48
C ALA A 397 8.77 -20.65 -12.61
N LEU A 398 7.50 -20.28 -12.66
CA LEU A 398 7.16 -18.87 -12.80
C LEU A 398 7.65 -18.00 -11.65
N VAL A 399 7.65 -18.56 -10.45
CA VAL A 399 8.12 -17.85 -9.27
C VAL A 399 9.62 -17.57 -9.49
N ASP A 400 10.35 -18.63 -9.79
CA ASP A 400 11.78 -18.55 -10.02
C ASP A 400 12.11 -17.51 -11.10
N ALA A 401 11.18 -17.31 -12.01
CA ALA A 401 11.40 -16.36 -13.08
C ALA A 401 11.24 -14.89 -12.67
N PHE A 402 10.27 -14.61 -11.80
CA PHE A 402 10.06 -13.24 -11.38
C PHE A 402 11.13 -12.90 -10.35
N SER A 403 11.40 -13.86 -9.47
CA SER A 403 12.40 -13.63 -8.45
C SER A 403 13.78 -13.39 -9.06
N ARG A 404 13.87 -13.44 -10.39
CA ARG A 404 15.13 -13.22 -11.06
C ARG A 404 15.19 -11.98 -11.92
N GLN A 405 14.04 -11.57 -12.45
CA GLN A 405 14.01 -10.38 -13.28
C GLN A 405 13.81 -9.17 -12.38
N PRO A 406 14.65 -8.15 -12.51
CA PRO A 406 14.52 -6.96 -11.67
C PRO A 406 13.28 -6.16 -11.94
N ALA A 407 12.93 -5.30 -10.98
CA ALA A 407 11.78 -4.41 -11.10
C ALA A 407 12.42 -3.11 -11.52
N GLY A 408 11.74 -2.00 -11.34
CA GLY A 408 12.33 -0.74 -11.76
C GLY A 408 12.20 0.35 -10.74
N ARG A 409 13.16 1.27 -10.73
CA ARG A 409 13.11 2.39 -9.80
C ARG A 409 11.70 2.96 -9.88
N ILE A 410 11.15 3.35 -8.74
CA ILE A 410 9.81 3.91 -8.69
C ILE A 410 9.84 5.43 -8.69
N GLY A 411 10.96 6.02 -8.29
CA GLY A 411 11.04 7.47 -8.26
C GLY A 411 12.00 8.03 -9.28
N GLY A 412 12.34 9.31 -9.12
CA GLY A 412 13.26 9.95 -10.05
C GLY A 412 12.55 10.60 -11.23
N GLY A 413 11.49 9.94 -11.69
CA GLY A 413 10.73 10.43 -12.82
C GLY A 413 11.12 9.67 -14.07
N ARG A 414 10.18 9.59 -15.03
CA ARG A 414 10.41 8.91 -16.30
C ARG A 414 10.76 7.43 -16.21
N ASN A 415 9.88 6.63 -15.68
CA ASN A 415 10.20 5.22 -15.60
C ASN A 415 8.95 4.37 -15.54
N ILE A 416 7.87 4.89 -16.11
CA ILE A 416 6.57 4.21 -16.18
C ILE A 416 6.42 3.69 -17.61
N ASP A 417 6.43 2.38 -17.81
CA ASP A 417 6.29 1.83 -19.17
C ASP A 417 5.13 2.52 -19.87
N HIS A 418 5.22 2.65 -21.19
CA HIS A 418 4.18 3.33 -21.97
C HIS A 418 2.84 2.62 -21.96
N HIS A 419 2.86 1.29 -22.08
CA HIS A 419 1.62 0.54 -22.07
C HIS A 419 0.72 1.01 -20.92
N ILE A 420 1.25 1.01 -19.70
CA ILE A 420 0.46 1.40 -18.54
C ILE A 420 0.46 2.89 -18.23
N LEU A 421 1.27 3.69 -18.92
CA LEU A 421 1.30 5.12 -18.63
C LEU A 421 -0.07 5.78 -18.56
N HIS A 422 -1.09 5.17 -19.17
CA HIS A 422 -2.43 5.76 -19.13
C HIS A 422 -2.93 5.86 -17.68
N VAL A 423 -2.73 4.78 -16.93
CA VAL A 423 -3.14 4.73 -15.54
C VAL A 423 -2.72 6.06 -14.89
N ALA A 424 -1.41 6.29 -14.87
CA ALA A 424 -0.80 7.48 -14.29
C ALA A 424 -1.48 8.80 -14.65
N VAL A 425 -1.96 8.94 -15.88
CA VAL A 425 -2.62 10.17 -16.29
C VAL A 425 -3.99 10.29 -15.60
N ASP A 426 -4.65 9.15 -15.44
CA ASP A 426 -5.97 9.11 -14.78
C ASP A 426 -5.83 9.42 -13.28
N VAL A 427 -4.73 8.96 -12.70
CA VAL A 427 -4.48 9.20 -11.30
C VAL A 427 -4.40 10.72 -11.11
N ILE A 428 -3.70 11.38 -12.03
CA ILE A 428 -3.55 12.83 -11.94
C ILE A 428 -4.87 13.53 -12.23
N LYS A 429 -5.77 12.85 -12.93
CA LYS A 429 -7.05 13.46 -13.26
C LYS A 429 -7.97 13.30 -12.07
N GLU A 430 -7.98 12.11 -11.49
CA GLU A 430 -8.82 11.82 -10.33
C GLU A 430 -8.42 12.72 -9.17
N SER A 431 -7.11 12.78 -8.91
CA SER A 431 -6.59 13.61 -7.83
C SER A 431 -7.27 14.99 -7.87
N ARG A 432 -7.51 15.48 -9.08
CA ARG A 432 -8.15 16.78 -9.30
C ARG A 432 -9.64 16.69 -9.02
N VAL A 433 -10.23 15.55 -9.38
CA VAL A 433 -11.64 15.30 -9.16
C VAL A 433 -11.82 15.33 -7.65
N LEU A 434 -10.87 14.68 -6.97
CA LEU A 434 -10.87 14.59 -5.51
C LEU A 434 -10.57 15.93 -4.86
N ARG A 435 -9.64 16.68 -5.43
CA ARG A 435 -9.24 17.99 -4.92
C ARG A 435 -8.27 17.92 -3.73
N LEU A 436 -7.28 17.02 -3.86
CA LEU A 436 -6.25 16.82 -2.86
C LEU A 436 -5.46 18.12 -2.86
N GLN A 437 -5.05 18.57 -1.67
CA GLN A 437 -4.30 19.80 -1.54
C GLN A 437 -2.93 19.61 -2.18
N PRO A 438 -2.14 20.68 -2.25
CA PRO A 438 -0.79 20.65 -2.84
C PRO A 438 0.19 19.68 -2.17
N PHE A 439 1.11 19.15 -2.98
CA PHE A 439 2.13 18.22 -2.52
C PHE A 439 2.77 18.82 -1.28
N ASN A 440 3.14 20.08 -1.36
CA ASN A 440 3.76 20.73 -0.23
C ASN A 440 2.88 20.67 1.00
N GLU A 441 1.59 20.89 0.83
CA GLU A 441 0.70 20.87 1.97
C GLU A 441 0.70 19.51 2.65
N TYR A 442 0.99 18.47 1.90
CA TYR A 442 1.03 17.13 2.47
C TYR A 442 2.39 16.88 3.14
N ARG A 443 3.43 17.55 2.66
CA ARG A 443 4.73 17.40 3.27
C ARG A 443 4.57 17.83 4.74
N LYS A 444 4.07 19.05 4.96
CA LYS A 444 3.85 19.54 6.32
C LYS A 444 3.16 18.46 7.14
N ARG A 445 1.89 18.24 6.81
CA ARG A 445 1.08 17.25 7.49
C ARG A 445 1.83 15.97 7.85
N PHE A 446 2.81 15.59 7.03
CA PHE A 446 3.59 14.39 7.36
C PHE A 446 4.98 14.69 7.90
N GLY A 447 5.04 15.62 8.85
CA GLY A 447 6.27 16.01 9.50
C GLY A 447 7.49 16.42 8.69
N MET A 448 7.28 17.04 7.53
CA MET A 448 8.38 17.50 6.69
C MET A 448 8.29 18.98 6.39
N LYS A 449 9.34 19.50 5.78
CA LYS A 449 9.38 20.91 5.42
C LYS A 449 8.91 21.05 3.98
N PRO A 450 8.18 22.13 3.68
CA PRO A 450 7.70 22.32 2.31
C PRO A 450 8.86 22.69 1.41
N TYR A 451 8.88 22.18 0.18
CA TYR A 451 9.97 22.53 -0.74
C TYR A 451 9.89 24.00 -1.06
N THR A 452 11.05 24.58 -1.34
CA THR A 452 11.13 26.01 -1.63
C THR A 452 11.26 26.29 -3.12
N SER A 453 11.54 25.25 -3.88
CA SER A 453 11.74 25.35 -5.33
C SER A 453 11.72 23.99 -6.01
N PHE A 454 11.53 23.97 -7.32
CA PHE A 454 11.53 22.72 -8.06
C PHE A 454 12.98 22.24 -8.07
N GLN A 455 13.90 23.18 -8.18
CA GLN A 455 15.31 22.83 -8.18
C GLN A 455 15.60 22.01 -6.92
N GLU A 456 14.87 22.30 -5.84
CA GLU A 456 15.08 21.58 -4.57
C GLU A 456 14.35 20.26 -4.66
N LEU A 457 13.10 20.31 -5.12
CA LEU A 457 12.32 19.10 -5.28
C LEU A 457 13.17 18.10 -6.01
N THR A 458 13.38 18.35 -7.30
CA THR A 458 14.18 17.47 -8.14
C THR A 458 15.67 17.65 -7.96
N GLY A 459 16.42 16.56 -8.09
CA GLY A 459 17.86 16.68 -7.95
C GLY A 459 18.43 17.54 -9.06
N GLU A 460 17.92 17.34 -10.26
CA GLU A 460 18.39 18.06 -11.45
C GLU A 460 18.00 19.52 -11.60
N LYS A 461 18.04 20.00 -12.85
CA LYS A 461 17.72 21.38 -13.19
C LYS A 461 16.69 21.49 -14.31
N GLU A 462 16.73 20.53 -15.23
CA GLU A 462 15.82 20.48 -16.39
C GLU A 462 14.35 20.33 -15.99
N MET A 463 13.91 19.10 -15.74
CA MET A 463 12.52 18.84 -15.34
C MET A 463 12.07 19.95 -14.43
N ALA A 464 12.98 20.35 -13.55
CA ALA A 464 12.77 21.41 -12.55
C ALA A 464 12.25 22.73 -13.15
N ALA A 465 13.09 23.36 -13.96
CA ALA A 465 12.74 24.61 -14.60
C ALA A 465 11.40 24.42 -15.31
N GLU A 466 11.38 23.49 -16.25
CA GLU A 466 10.20 23.15 -17.04
C GLU A 466 8.92 23.02 -16.22
N LEU A 467 9.02 22.33 -15.08
CA LEU A 467 7.86 22.15 -14.22
C LEU A 467 7.44 23.50 -13.69
N GLU A 468 8.40 24.30 -13.25
CA GLU A 468 8.07 25.62 -12.74
C GLU A 468 7.26 26.30 -13.81
N GLU A 469 7.81 26.30 -15.03
CA GLU A 469 7.15 26.91 -16.17
C GLU A 469 5.67 26.52 -16.19
N LEU A 470 5.40 25.24 -15.94
CA LEU A 470 4.04 24.74 -15.93
C LEU A 470 3.24 25.12 -14.69
N TYR A 471 3.60 24.57 -13.54
CA TYR A 471 2.89 24.89 -12.29
C TYR A 471 3.04 26.34 -11.83
N GLY A 472 4.10 27.00 -12.27
CA GLY A 472 4.30 28.40 -11.95
C GLY A 472 4.81 28.75 -10.56
N ASP A 473 4.41 27.93 -9.60
CA ASP A 473 4.80 28.09 -8.20
C ASP A 473 4.90 26.70 -7.58
N ILE A 474 6.02 26.42 -6.92
CA ILE A 474 6.26 25.13 -6.26
C ILE A 474 5.04 24.63 -5.46
N ASP A 475 4.44 25.51 -4.67
CA ASP A 475 3.29 25.14 -3.85
C ASP A 475 2.12 24.58 -4.63
N ALA A 476 1.94 25.05 -5.86
CA ALA A 476 0.86 24.59 -6.71
C ALA A 476 1.06 23.11 -7.00
N LEU A 477 2.31 22.70 -7.19
CA LEU A 477 2.64 21.30 -7.49
C LEU A 477 1.63 20.34 -6.87
N GLU A 478 1.40 19.22 -7.55
CA GLU A 478 0.43 18.22 -7.10
C GLU A 478 0.98 17.08 -6.24
N PHE A 479 0.06 16.30 -5.68
CA PHE A 479 0.42 15.16 -4.83
C PHE A 479 1.08 14.01 -5.59
N TYR A 480 0.35 13.37 -6.49
CA TYR A 480 0.94 12.24 -7.20
C TYR A 480 2.19 12.56 -7.99
N PRO A 481 2.21 13.71 -8.67
CA PRO A 481 3.40 14.06 -9.43
C PRO A 481 4.66 14.31 -8.58
N GLY A 482 4.55 15.19 -7.59
CA GLY A 482 5.70 15.48 -6.74
C GLY A 482 6.30 14.21 -6.17
N LEU A 483 5.42 13.31 -5.74
CA LEU A 483 5.84 12.06 -5.16
C LEU A 483 6.69 11.18 -6.07
N LEU A 484 6.67 11.45 -7.37
CA LEU A 484 7.45 10.64 -8.27
C LEU A 484 8.57 11.45 -8.88
N LEU A 485 8.34 12.76 -8.99
CA LEU A 485 9.31 13.67 -9.55
C LEU A 485 10.34 14.11 -8.51
N GLU A 486 10.11 13.70 -7.27
CA GLU A 486 11.02 14.03 -6.19
C GLU A 486 12.31 13.27 -6.37
N LYS A 487 13.42 13.87 -5.98
CA LYS A 487 14.71 13.20 -6.08
C LYS A 487 14.67 12.06 -5.08
N CYS A 488 15.34 10.95 -5.40
CA CYS A 488 15.37 9.79 -4.49
C CYS A 488 16.59 9.84 -3.58
N HIS A 489 16.54 9.08 -2.50
CA HIS A 489 17.69 8.99 -1.60
C HIS A 489 18.67 8.19 -2.47
N PRO A 490 19.97 8.53 -2.41
CA PRO A 490 20.94 7.80 -3.24
C PRO A 490 20.77 6.27 -3.12
N ASN A 491 20.61 5.62 -4.27
CA ASN A 491 20.43 4.16 -4.35
C ASN A 491 19.09 3.67 -3.86
N SER A 492 18.32 4.57 -3.27
CA SER A 492 17.01 4.18 -2.76
C SER A 492 16.04 3.95 -3.90
N ILE A 493 15.05 3.08 -3.66
CA ILE A 493 14.07 2.76 -4.68
C ILE A 493 13.20 3.99 -4.97
N PHE A 494 13.04 4.84 -3.97
CA PHE A 494 12.27 6.05 -4.15
C PHE A 494 12.66 7.14 -3.14
N GLY A 495 12.26 8.37 -3.43
CA GLY A 495 12.59 9.49 -2.56
C GLY A 495 12.13 9.49 -1.11
N GLU A 496 12.40 10.61 -0.44
CA GLU A 496 12.06 10.79 0.97
C GLU A 496 10.56 10.82 1.25
N SER A 497 9.85 11.67 0.52
CA SER A 497 8.44 11.82 0.74
C SER A 497 7.61 10.56 0.65
N MET A 498 8.09 9.57 -0.09
CA MET A 498 7.34 8.31 -0.23
C MET A 498 7.33 7.49 1.06
N ILE A 499 8.48 7.40 1.73
CA ILE A 499 8.57 6.66 2.98
C ILE A 499 7.91 7.46 4.10
N GLU A 500 8.30 8.72 4.24
CA GLU A 500 7.74 9.57 5.27
C GLU A 500 6.21 9.65 5.20
N MET A 501 5.64 9.43 4.01
CA MET A 501 4.18 9.47 3.82
C MET A 501 3.56 8.08 3.75
N GLY A 502 4.34 7.12 3.25
CA GLY A 502 3.86 5.75 3.12
C GLY A 502 3.83 4.89 4.37
N ALA A 503 4.90 4.93 5.17
CA ALA A 503 5.01 4.15 6.39
C ALA A 503 3.89 4.42 7.40
N PRO A 504 3.60 5.69 7.67
CA PRO A 504 2.53 6.04 8.60
C PRO A 504 1.18 5.44 8.18
N PHE A 505 0.96 5.29 6.87
CA PHE A 505 -0.28 4.70 6.38
C PHE A 505 -0.15 3.19 6.47
N SER A 506 1.02 2.67 6.13
CA SER A 506 1.24 1.24 6.14
C SER A 506 1.23 0.58 7.50
N LEU A 507 2.06 1.05 8.41
CA LEU A 507 2.12 0.42 9.71
C LEU A 507 0.83 0.64 10.48
N LYS A 508 0.20 1.78 10.29
CA LYS A 508 -1.05 2.04 10.99
C LYS A 508 -2.02 0.96 10.57
N GLY A 509 -1.92 0.60 9.29
CA GLY A 509 -2.77 -0.42 8.71
C GLY A 509 -2.41 -1.82 9.10
N LEU A 510 -1.11 -2.16 9.05
CA LEU A 510 -0.69 -3.51 9.40
C LEU A 510 -1.02 -3.90 10.84
N LEU A 511 -0.67 -3.04 11.81
CA LEU A 511 -0.92 -3.35 13.21
C LEU A 511 -2.29 -2.99 13.70
N GLY A 512 -2.98 -2.12 12.97
CA GLY A 512 -4.33 -1.73 13.36
C GLY A 512 -5.33 -2.85 13.11
N ASN A 513 -4.84 -3.97 12.60
CA ASN A 513 -5.64 -5.13 12.28
C ASN A 513 -6.12 -5.85 13.53
N PRO A 514 -7.42 -6.11 13.64
CA PRO A 514 -7.99 -6.79 14.80
C PRO A 514 -7.21 -7.97 15.33
N ILE A 515 -6.66 -8.79 14.45
CA ILE A 515 -5.93 -9.95 14.93
C ILE A 515 -4.70 -9.53 15.75
N CYS A 516 -4.20 -8.34 15.50
CA CYS A 516 -3.02 -7.85 16.21
C CYS A 516 -3.30 -7.34 17.63
N SER A 517 -4.56 -7.19 17.97
CA SER A 517 -4.93 -6.70 19.30
C SER A 517 -4.77 -7.74 20.39
N PRO A 518 -4.59 -7.28 21.64
CA PRO A 518 -4.43 -8.12 22.81
C PRO A 518 -5.54 -9.15 22.84
N GLU A 519 -6.76 -8.63 22.71
CA GLU A 519 -7.97 -9.44 22.71
C GLU A 519 -7.79 -10.66 21.82
N TYR A 520 -7.53 -10.42 20.53
CA TYR A 520 -7.38 -11.48 19.53
C TYR A 520 -6.05 -12.23 19.44
N TRP A 521 -4.96 -11.61 19.87
CA TRP A 521 -3.62 -12.24 19.76
C TRP A 521 -3.30 -13.35 20.77
N LYS A 522 -4.03 -14.45 20.70
CA LYS A 522 -3.83 -15.60 21.61
C LYS A 522 -3.70 -16.82 20.72
N ALA A 523 -3.22 -17.92 21.28
CA ALA A 523 -3.07 -19.12 20.47
C ALA A 523 -4.41 -19.78 20.16
N SER A 524 -5.44 -19.42 20.91
CA SER A 524 -6.73 -20.03 20.66
C SER A 524 -7.44 -19.38 19.47
N THR A 525 -7.01 -18.19 19.08
CA THR A 525 -7.63 -17.49 17.95
C THR A 525 -7.20 -18.18 16.67
N PHE A 526 -6.12 -18.95 16.79
CA PHE A 526 -5.60 -19.69 15.65
C PHE A 526 -5.70 -21.14 16.05
N GLY A 527 -6.59 -21.38 17.00
CA GLY A 527 -6.85 -22.71 17.51
C GLY A 527 -5.61 -23.58 17.53
N GLY A 528 -5.01 -23.68 18.72
CA GLY A 528 -3.81 -24.48 18.85
C GLY A 528 -2.58 -23.62 18.88
N GLU A 529 -1.46 -24.24 19.20
CA GLU A 529 -0.18 -23.54 19.26
C GLU A 529 0.36 -23.55 17.82
N VAL A 530 0.02 -24.61 17.10
CA VAL A 530 0.42 -24.79 15.70
C VAL A 530 -0.02 -23.63 14.84
N GLY A 531 -1.26 -23.21 15.02
CA GLY A 531 -1.74 -22.08 14.23
C GLY A 531 -0.88 -20.87 14.54
N PHE A 532 -0.75 -20.56 15.82
CA PHE A 532 0.03 -19.39 16.26
C PHE A 532 1.45 -19.35 15.74
N ASN A 533 2.08 -20.50 15.59
CA ASN A 533 3.44 -20.52 15.09
C ASN A 533 3.49 -20.28 13.59
N LEU A 534 2.50 -20.78 12.86
CA LEU A 534 2.47 -20.59 11.41
C LEU A 534 2.48 -19.09 11.13
N VAL A 535 1.89 -18.33 12.04
CA VAL A 535 1.86 -16.88 11.90
C VAL A 535 3.20 -16.28 12.36
N LYS A 536 3.72 -16.81 13.48
CA LYS A 536 4.98 -16.34 14.04
C LYS A 536 6.21 -16.75 13.23
N THR A 537 6.03 -17.55 12.18
CA THR A 537 7.18 -17.97 11.39
C THR A 537 7.00 -18.00 9.87
N ALA A 538 5.98 -17.32 9.35
CA ALA A 538 5.75 -17.31 7.90
C ALA A 538 6.94 -16.69 7.16
N THR A 539 7.14 -17.08 5.90
CA THR A 539 8.24 -16.57 5.08
C THR A 539 7.72 -16.56 3.65
N LEU A 540 8.37 -15.83 2.76
CA LEU A 540 7.96 -15.81 1.37
C LEU A 540 8.36 -17.19 0.89
N LYS A 541 9.57 -17.57 1.25
CA LYS A 541 10.14 -18.86 0.90
C LYS A 541 9.26 -20.03 1.35
N LYS A 542 8.58 -19.86 2.47
CA LYS A 542 7.70 -20.91 2.96
C LYS A 542 6.33 -20.87 2.27
N LEU A 543 5.78 -19.66 2.09
CA LEU A 543 4.48 -19.51 1.43
C LEU A 543 4.52 -20.21 0.08
N VAL A 544 5.71 -20.32 -0.48
CA VAL A 544 5.90 -20.97 -1.76
C VAL A 544 6.31 -22.42 -1.58
N CYS A 545 7.59 -22.66 -1.36
CA CYS A 545 8.13 -24.01 -1.21
C CYS A 545 7.38 -24.99 -0.31
N LEU A 546 6.37 -24.51 0.41
CA LEU A 546 5.59 -25.39 1.27
C LEU A 546 4.28 -25.71 0.54
N ASN A 547 4.13 -25.13 -0.63
CA ASN A 547 2.95 -25.36 -1.44
C ASN A 547 3.39 -25.73 -2.85
N THR A 548 4.49 -26.47 -2.97
CA THR A 548 4.98 -26.89 -4.29
C THR A 548 5.61 -28.28 -4.24
N LYS A 549 6.19 -28.69 -5.36
CA LYS A 549 6.85 -29.97 -5.44
C LYS A 549 8.34 -29.69 -5.25
N THR A 550 8.82 -28.67 -5.93
CA THR A 550 10.22 -28.31 -5.80
C THR A 550 10.42 -26.87 -5.38
N CYS A 551 11.54 -26.63 -4.73
CA CYS A 551 11.85 -25.30 -4.23
C CYS A 551 12.74 -24.53 -5.18
N PRO A 552 12.15 -23.61 -5.95
CA PRO A 552 12.89 -22.78 -6.90
C PRO A 552 13.55 -21.66 -6.13
N TYR A 553 13.74 -20.52 -6.79
CA TYR A 553 14.34 -19.37 -6.14
C TYR A 553 13.21 -18.38 -5.92
N VAL A 554 13.17 -17.80 -4.73
CA VAL A 554 12.14 -16.85 -4.38
C VAL A 554 12.63 -15.89 -3.33
N SER A 555 12.38 -14.60 -3.56
CA SER A 555 12.77 -13.52 -2.66
C SER A 555 12.35 -12.20 -3.29
N PHE A 556 12.27 -11.14 -2.49
CA PHE A 556 11.88 -9.84 -3.00
C PHE A 556 13.02 -9.09 -3.64
N HIS A 557 14.09 -9.81 -3.94
CA HIS A 557 15.22 -9.18 -4.59
C HIS A 557 15.93 -10.18 -5.46
N VAL A 558 16.54 -9.69 -6.53
CA VAL A 558 17.24 -10.54 -7.46
C VAL A 558 18.45 -11.18 -6.79
N PRO A 559 18.82 -12.39 -7.23
CA PRO A 559 19.98 -13.05 -6.62
C PRO A 559 21.21 -12.33 -7.16
N ASP A 560 22.37 -12.61 -6.56
CA ASP A 560 23.64 -12.00 -7.01
C ASP A 560 23.76 -10.50 -6.70
C1 NAG B . -2.60 33.49 10.24
C2 NAG B . -1.58 34.62 10.24
C3 NAG B . -2.11 35.78 9.40
C4 NAG B . -2.26 35.22 7.98
C5 NAG B . -3.31 34.11 8.01
C6 NAG B . -3.58 33.47 6.65
C7 NAG B . -0.08 34.80 12.12
C8 NAG B . 0.07 35.04 13.62
N2 NAG B . -1.28 35.06 11.58
O3 NAG B . -1.16 36.83 9.41
O4 NAG B . -2.58 36.22 6.98
O5 NAG B . -2.87 33.05 8.89
O6 NAG B . -2.45 33.50 5.79
O7 NAG B . 0.89 34.39 11.45
C1 NAG B . -3.27 37.40 7.29
C2 NAG B . -3.82 38.03 5.99
C3 NAG B . -2.72 38.53 5.06
C4 NAG B . -1.46 39.13 5.77
C5 NAG B . -1.15 38.46 7.11
C6 NAG B . -0.09 39.14 7.97
C7 NAG B . -5.66 36.44 5.87
C8 NAG B . -6.02 35.06 5.32
N2 NAG B . -4.66 37.09 5.26
O3 NAG B . -3.29 39.53 4.21
O4 NAG B . -0.33 38.97 4.92
O5 NAG B . -2.36 38.33 7.89
O6 NAG B . -0.41 40.50 8.25
O7 NAG B . -6.28 36.90 6.84
C1 NAG C . -22.67 5.85 1.66
C2 NAG C . -23.90 4.95 1.64
C3 NAG C . -24.53 4.86 0.24
C4 NAG C . -24.76 6.25 -0.36
C5 NAG C . -23.45 7.06 -0.30
C6 NAG C . -23.71 8.50 -0.71
C7 NAG C . -24.22 2.99 3.02
C8 NAG C . -24.40 1.49 2.83
N2 NAG C . -23.51 3.62 2.07
O3 NAG C . -25.78 4.20 0.34
O4 NAG C . -25.22 6.14 -1.72
O5 NAG C . -22.96 7.12 1.07
O6 NAG C . -22.58 9.33 -0.46
O7 NAG C . -24.70 3.55 4.00
C1 NAG C . -26.11 7.12 -2.21
C2 NAG C . -26.34 6.96 -3.70
C3 NAG C . -27.16 8.18 -4.17
C4 NAG C . -28.55 8.05 -3.49
C5 NAG C . -28.34 8.01 -1.94
C6 NAG C . -29.63 7.70 -1.18
C7 NAG C . -24.01 7.38 -4.27
C8 NAG C . -22.73 6.53 -4.27
N2 NAG C . -25.14 6.74 -4.50
O3 NAG C . -27.26 8.20 -5.58
O4 NAG C . -29.52 9.12 -3.83
O5 NAG C . -27.38 6.99 -1.55
O6 NAG C . -29.68 6.33 -0.81
O7 NAG C . -23.94 8.61 -4.08
C1 BMA C . -29.55 9.80 -5.07
C2 BMA C . -30.05 8.88 -6.26
C3 BMA C . -31.55 8.58 -6.23
C4 BMA C . -32.35 9.72 -5.60
C5 BMA C . -31.59 11.05 -5.73
C6 BMA C . -32.41 12.28 -5.29
O2 BMA C . -29.34 7.64 -6.25
O3 BMA C . -31.82 7.37 -5.53
O4 BMA C . -33.62 9.83 -6.25
O5 BMA C . -30.37 11.00 -4.92
O6 BMA C . -33.62 11.88 -4.59
C1 BMA C . -34.71 12.77 -4.70
C2 BMA C . -36.07 12.04 -4.43
C3 BMA C . -36.98 13.01 -3.62
C4 BMA C . -36.34 13.25 -2.26
C5 BMA C . -34.88 13.75 -2.45
C6 BMA C . -33.80 12.87 -1.83
O2 BMA C . -35.87 10.84 -3.69
O3 BMA C . -38.36 12.55 -3.48
O4 BMA C . -37.10 14.21 -1.53
O5 BMA C . -34.57 13.93 -3.87
O6 BMA C . -34.25 12.20 -0.66
C1 BMA C . -38.68 11.17 -3.49
C2 BMA C . -39.41 10.77 -4.81
C3 BMA C . -39.61 9.25 -4.88
C4 BMA C . -39.45 8.62 -3.49
C5 BMA C . -40.17 9.51 -2.47
C6 BMA C . -40.23 8.88 -1.10
O2 BMA C . -38.66 11.20 -5.94
O3 BMA C . -38.67 8.69 -5.78
O4 BMA C . -39.97 7.29 -3.46
O5 BMA C . -39.48 10.80 -2.35
O6 BMA C . -40.86 7.60 -1.16
C1 NAG D . 0.24 -17.16 -23.67
C2 NAG D . 0.56 -16.66 -25.10
C3 NAG D . 1.21 -17.75 -25.96
C4 NAG D . 2.39 -18.38 -25.21
C5 NAG D . 1.92 -18.87 -23.83
C6 NAG D . 3.04 -19.49 -23.00
C7 NAG D . -0.91 -14.90 -25.90
C8 NAG D . -2.14 -14.36 -25.21
N2 NAG D . -0.66 -16.20 -25.77
O3 NAG D . 1.67 -17.15 -27.16
O4 NAG D . 2.94 -19.49 -25.95
O5 NAG D . 1.39 -17.76 -23.08
O6 NAG D . 2.67 -19.65 -21.64
O7 NAG D . -0.18 -14.14 -26.54
C1 NAG D . 4.33 -19.50 -26.07
C2 NAG D . 4.82 -20.93 -26.41
C3 NAG D . 6.29 -20.96 -26.81
C4 NAG D . 6.52 -19.98 -27.95
C5 NAG D . 6.10 -18.59 -27.44
C6 NAG D . 6.34 -17.48 -28.44
C7 NAG D . 3.66 -22.78 -25.43
C8 NAG D . 4.16 -24.22 -25.47
N2 NAG D . 4.57 -21.82 -25.29
O3 NAG D . 6.65 -22.27 -27.23
O4 NAG D . 7.88 -19.98 -28.36
O5 NAG D . 4.68 -18.58 -27.12
O6 NAG D . 5.50 -16.36 -28.17
O7 NAG D . 2.45 -22.53 -25.55
C1 BOG E . 22.47 15.06 7.30
O1 BOG E . 22.16 15.37 8.62
C2 BOG E . 23.16 13.68 7.21
O2 BOG E . 24.40 13.69 7.91
C3 BOG E . 23.42 13.34 5.72
O3 BOG E . 23.91 12.01 5.61
C4 BOG E . 22.13 13.45 4.90
O4 BOG E . 22.42 13.24 3.53
C5 BOG E . 21.52 14.85 5.11
O5 BOG E . 21.26 15.08 6.51
C6 BOG E . 20.21 15.03 4.36
O6 BOG E . 19.80 13.81 3.76
C1' BOG E . 22.37 16.74 9.00
C2' BOG E . 22.36 16.88 10.54
C3' BOG E . 21.02 16.44 11.14
C4' BOG E . 20.47 17.47 12.13
C5' BOG E . 21.52 17.90 13.17
C6' BOG E . 21.92 16.75 14.06
C7' BOG E . 20.73 16.21 14.84
C8' BOG E . 21.16 15.05 15.74
C1 BOG F . 10.00 8.01 11.73
O1 BOG F . 10.20 6.85 12.47
C2 BOG F . 9.12 9.02 12.50
O2 BOG F . 7.88 8.42 12.87
C3 BOG F . 8.87 10.23 11.60
O3 BOG F . 8.07 11.19 12.29
C4 BOG F . 10.21 10.84 11.20
O4 BOG F . 9.99 11.95 10.33
C5 BOG F . 11.06 9.76 10.50
O5 BOG F . 11.25 8.62 11.38
C6 BOG F . 12.45 10.21 10.03
O6 BOG F . 12.82 9.61 8.79
C1' BOG F . 11.48 6.61 13.08
C2' BOG F . 11.37 6.82 14.59
C3' BOG F . 12.72 6.54 15.27
C4' BOG F . 13.23 5.15 14.91
C5' BOG F . 14.51 4.82 15.66
C6' BOG F . 15.61 5.80 15.35
C7' BOG F . 15.79 5.94 13.86
C8' BOG F . 16.86 6.95 13.55
C1 BOG G . 34.39 -0.20 7.00
O1 BOG G . 33.50 0.85 7.25
C2 BOG G . 33.69 -1.37 6.29
O2 BOG G . 32.53 -1.79 7.01
C3 BOG G . 34.71 -2.52 6.17
O3 BOG G . 34.13 -3.62 5.49
C4 BOG G . 35.97 -2.05 5.43
O4 BOG G . 36.99 -3.06 5.56
C5 BOG G . 36.53 -0.69 5.97
O5 BOG G . 35.46 0.29 6.17
C6 BOG G . 37.57 -0.08 5.02
O6 BOG G . 37.44 -0.56 3.69
C1' BOG G . 32.76 0.77 8.49
C2' BOG G . 31.27 0.69 8.19
C3' BOG G . 30.47 0.36 9.45
C4' BOG G . 30.84 1.29 10.59
C5' BOG G . 29.87 1.17 11.78
C6' BOG G . 30.19 2.17 12.91
C7' BOG G . 30.44 3.58 12.38
C8' BOG G . 31.93 3.79 12.00
CO COH H . -2.65 -0.94 -11.73
CHA COH H . -5.44 0.84 -11.35
CHB COH H . -3.36 -1.40 -15.04
CHC COH H . 0.13 -2.76 -12.10
CHD COH H . -1.87 -0.58 -8.38
NA COH H . -4.08 -0.40 -13.00
C1A COH H . -5.22 0.39 -12.66
C2A COH H . -6.14 0.61 -13.87
C3A COH H . -5.50 -0.07 -14.98
C4A COH H . -4.23 -0.68 -14.33
CMA COH H . -5.95 -0.20 -16.45
CAA COH H . -7.54 1.40 -13.98
CBA COH H . -7.49 2.91 -14.35
CGA COH H . -6.75 3.85 -13.38
O1A COH H . -7.15 3.92 -12.17
O2A COH H . -5.82 4.58 -13.83
NB COH H . -1.82 -1.86 -13.23
C1B COH H . -2.22 -1.98 -14.58
C2B COH H . -1.31 -2.77 -15.41
C3B COH H . -0.31 -3.16 -14.58
C4B COH H . -0.63 -2.60 -13.24
CMB COH H . -1.48 -3.07 -16.88
CAB COH H . 0.88 -3.98 -14.94
CBB COH H . 0.84 -5.26 -15.44
NC COH H . -1.18 -1.52 -10.45
C1C COH H . -0.10 -2.28 -10.84
C2C COH H . 0.78 -2.52 -9.71
C3C COH H . 0.18 -1.88 -8.61
C4C COH H . -0.99 -1.30 -9.13
CMC COH H . 2.12 -3.32 -9.75
CAC COH H . 0.58 -1.78 -7.23
CBC COH H . 1.77 -1.17 -6.68
ND COH H . -3.44 -0.08 -10.16
C1D COH H . -3.07 0.02 -8.87
C2D COH H . -4.08 0.84 -8.02
C3D COH H . -5.05 1.21 -8.91
C4D COH H . -4.68 0.67 -10.21
CMD COH H . -3.87 1.07 -6.51
CAD COH H . -6.28 2.14 -8.71
CBD COH H . -7.65 1.43 -8.52
CGD COH H . -7.88 0.76 -7.21
O1D COH H . -7.54 -0.45 -7.07
O2D COH H . -8.40 1.44 -6.30
C1 LAX I . 9.55 2.88 8.74
O1 LAX I . 8.69 2.69 9.62
O2 LAX I . 10.51 3.67 8.87
C2 LAX I . 9.44 2.14 7.45
C3 LAX I . 9.42 3.08 6.28
C4 LAX I . 8.53 2.55 5.19
C5 LAX I . 9.24 1.53 4.36
C6 LAX I . 9.33 1.98 2.93
C7 LAX I . 7.96 2.13 2.27
C8 LAX I . 6.96 3.14 2.76
C9 LAX I . 5.69 2.76 3.12
C10 LAX I . 5.26 1.33 3.03
C11 LAX I . 5.26 0.65 1.66
C12 LAX I . 4.25 -0.23 1.28
C13 LAX I . 3.12 -0.56 2.17
C14 LAX I . 2.86 -2.02 2.53
C15 LAX I . 1.81 -2.34 3.34
C16 LAX I . 0.91 -1.19 3.89
C17 LAX I . -0.62 -1.25 3.84
C18 LAX I . -1.18 -2.33 4.75
C19 LAX I . -2.71 -2.28 4.85
C20 LAX I . -3.24 -0.89 5.26
#